data_1EHS
# 
_entry.id   1EHS 
# 
_audit_conform.dict_name       mmcif_pdbx.dic 
_audit_conform.dict_version    5.397 
_audit_conform.dict_location   http://mmcif.pdb.org/dictionaries/ascii/mmcif_pdbx.dic 
# 
loop_
_database_2.database_id 
_database_2.database_code 
_database_2.pdbx_database_accession 
_database_2.pdbx_DOI 
PDB   1EHS         pdb_00001ehs 10.2210/pdb1ehs/pdb 
WWPDB D_1000173053 ?            ?                   
# 
loop_
_pdbx_audit_revision_history.ordinal 
_pdbx_audit_revision_history.data_content_type 
_pdbx_audit_revision_history.major_revision 
_pdbx_audit_revision_history.minor_revision 
_pdbx_audit_revision_history.revision_date 
1 'Structure model' 1 0 1995-09-15 
2 'Structure model' 1 1 2008-03-24 
3 'Structure model' 1 2 2011-07-13 
4 'Structure model' 1 3 2022-02-16 
5 'Structure model' 1 4 2024-10-30 
# 
_pdbx_audit_revision_details.ordinal             1 
_pdbx_audit_revision_details.revision_ordinal    1 
_pdbx_audit_revision_details.data_content_type   'Structure model' 
_pdbx_audit_revision_details.provider            repository 
_pdbx_audit_revision_details.type                'Initial release' 
_pdbx_audit_revision_details.description         ? 
_pdbx_audit_revision_details.details             ? 
# 
loop_
_pdbx_audit_revision_group.ordinal 
_pdbx_audit_revision_group.revision_ordinal 
_pdbx_audit_revision_group.data_content_type 
_pdbx_audit_revision_group.group 
1 2 'Structure model' 'Version format compliance' 
2 3 'Structure model' 'Version format compliance' 
3 4 'Structure model' 'Database references'       
4 4 'Structure model' 'Derived calculations'      
5 4 'Structure model' Other                       
6 5 'Structure model' 'Data collection'           
7 5 'Structure model' 'Structure summary'         
# 
loop_
_pdbx_audit_revision_category.ordinal 
_pdbx_audit_revision_category.revision_ordinal 
_pdbx_audit_revision_category.data_content_type 
_pdbx_audit_revision_category.category 
1 4 'Structure model' database_2                
2 4 'Structure model' pdbx_database_status      
3 4 'Structure model' pdbx_struct_assembly      
4 4 'Structure model' pdbx_struct_oper_list     
5 5 'Structure model' chem_comp_atom            
6 5 'Structure model' chem_comp_bond            
7 5 'Structure model' pdbx_entry_details        
8 5 'Structure model' pdbx_modification_feature 
# 
loop_
_pdbx_audit_revision_item.ordinal 
_pdbx_audit_revision_item.revision_ordinal 
_pdbx_audit_revision_item.data_content_type 
_pdbx_audit_revision_item.item 
1 4 'Structure model' '_database_2.pdbx_DOI'                
2 4 'Structure model' '_database_2.pdbx_database_accession' 
3 4 'Structure model' '_pdbx_database_status.process_site'  
# 
_pdbx_database_status.status_code                     REL 
_pdbx_database_status.entry_id                        1EHS 
_pdbx_database_status.recvd_initial_deposition_date   1995-06-13 
_pdbx_database_status.deposit_site                    ? 
_pdbx_database_status.process_site                    BNL 
_pdbx_database_status.SG_entry                        . 
_pdbx_database_status.pdb_format_compatible           Y 
_pdbx_database_status.status_code_mr                  ? 
_pdbx_database_status.status_code_sf                  ? 
_pdbx_database_status.status_code_cs                  ? 
_pdbx_database_status.status_code_nmr_data            ? 
_pdbx_database_status.methods_development_category    ? 
# 
loop_
_audit_author.name 
_audit_author.pdbx_ordinal 
'Sukumar, M.'       1 
'Rizo, J.'          2 
'Wall, M.'          3 
'Dreyfus, L.A.'     4 
'Kupersztoch, Y.M.' 5 
'Gierasch, L.M.'    6 
# 
_citation.id                        primary 
_citation.title                     
'The structure of Escherichia coli heat-stable enterotoxin b by nuclear magnetic resonance and circular dichroism.' 
_citation.journal_abbrev            'Protein Sci.' 
_citation.journal_volume            4 
_citation.page_first                1718 
_citation.page_last                 1729 
_citation.year                      1995 
_citation.journal_id_ASTM           PRCIEI 
_citation.country                   US 
_citation.journal_id_ISSN           0961-8368 
_citation.journal_id_CSD            0795 
_citation.book_publisher            ? 
_citation.pdbx_database_id_PubMed   8528070 
_citation.pdbx_database_id_DOI      ? 
# 
loop_
_citation_author.citation_id 
_citation_author.name 
_citation_author.ordinal 
_citation_author.identifier_ORCID 
primary 'Sukumar, M.'       1 ? 
primary 'Rizo, J.'          2 ? 
primary 'Wall, M.'          3 ? 
primary 'Dreyfus, L.A.'     4 ? 
primary 'Kupersztoch, Y.M.' 5 ? 
primary 'Gierasch, L.M.'    6 ? 
# 
_entity.id                         1 
_entity.type                       polymer 
_entity.src_method                 man 
_entity.pdbx_description           'HEAT-STABLE ENTEROTOXIN B' 
_entity.formula_weight             5116.919 
_entity.pdbx_number_of_molecules   1 
_entity.pdbx_ec                    ? 
_entity.pdbx_mutation              ? 
_entity.pdbx_fragment              ? 
_entity.details                    ? 
# 
_entity_name_com.entity_id   1 
_entity_name_com.name        STB 
# 
_entity_poly.entity_id                      1 
_entity_poly.type                           'polypeptide(L)' 
_entity_poly.nstd_linkage                   no 
_entity_poly.nstd_monomer                   no 
_entity_poly.pdbx_seq_one_letter_code       STQSNKKDLCEHYRQIAKESCKKGFLGVRDGTAGACFGAQIMVAAKGC 
_entity_poly.pdbx_seq_one_letter_code_can   STQSNKKDLCEHYRQIAKESCKKGFLGVRDGTAGACFGAQIMVAAKGC 
_entity_poly.pdbx_strand_id                 A 
_entity_poly.pdbx_target_identifier         ? 
# 
loop_
_entity_poly_seq.entity_id 
_entity_poly_seq.num 
_entity_poly_seq.mon_id 
_entity_poly_seq.hetero 
1 1  SER n 
1 2  THR n 
1 3  GLN n 
1 4  SER n 
1 5  ASN n 
1 6  LYS n 
1 7  LYS n 
1 8  ASP n 
1 9  LEU n 
1 10 CYS n 
1 11 GLU n 
1 12 HIS n 
1 13 TYR n 
1 14 ARG n 
1 15 GLN n 
1 16 ILE n 
1 17 ALA n 
1 18 LYS n 
1 19 GLU n 
1 20 SER n 
1 21 CYS n 
1 22 LYS n 
1 23 LYS n 
1 24 GLY n 
1 25 PHE n 
1 26 LEU n 
1 27 GLY n 
1 28 VAL n 
1 29 ARG n 
1 30 ASP n 
1 31 GLY n 
1 32 THR n 
1 33 ALA n 
1 34 GLY n 
1 35 ALA n 
1 36 CYS n 
1 37 PHE n 
1 38 GLY n 
1 39 ALA n 
1 40 GLN n 
1 41 ILE n 
1 42 MET n 
1 43 VAL n 
1 44 ALA n 
1 45 ALA n 
1 46 LYS n 
1 47 GLY n 
1 48 CYS n 
# 
_entity_src_gen.entity_id                          1 
_entity_src_gen.pdbx_src_id                        1 
_entity_src_gen.pdbx_alt_source_flag               sample 
_entity_src_gen.pdbx_seq_type                      ? 
_entity_src_gen.pdbx_beg_seq_num                   ? 
_entity_src_gen.pdbx_end_seq_num                   ? 
_entity_src_gen.gene_src_common_name               ? 
_entity_src_gen.gene_src_genus                     Escherichia 
_entity_src_gen.pdbx_gene_src_gene                 ? 
_entity_src_gen.gene_src_species                   ? 
_entity_src_gen.gene_src_strain                    K12/711 
_entity_src_gen.gene_src_tissue                    ? 
_entity_src_gen.gene_src_tissue_fraction           ? 
_entity_src_gen.gene_src_details                   ? 
_entity_src_gen.pdbx_gene_src_fragment             ? 
_entity_src_gen.pdbx_gene_src_scientific_name      'Escherichia coli' 
_entity_src_gen.pdbx_gene_src_ncbi_taxonomy_id     562 
_entity_src_gen.pdbx_gene_src_variant              ? 
_entity_src_gen.pdbx_gene_src_cell_line            ? 
_entity_src_gen.pdbx_gene_src_atcc                 ? 
_entity_src_gen.pdbx_gene_src_organ                ? 
_entity_src_gen.pdbx_gene_src_organelle            ? 
_entity_src_gen.pdbx_gene_src_cell                 ? 
_entity_src_gen.pdbx_gene_src_cellular_location    ? 
_entity_src_gen.host_org_common_name               ? 
_entity_src_gen.pdbx_host_org_scientific_name      'Escherichia coli' 
_entity_src_gen.pdbx_host_org_ncbi_taxonomy_id     562 
_entity_src_gen.host_org_genus                     Escherichia 
_entity_src_gen.pdbx_host_org_gene                 ? 
_entity_src_gen.pdbx_host_org_organ                ? 
_entity_src_gen.host_org_species                   ? 
_entity_src_gen.pdbx_host_org_tissue               ? 
_entity_src_gen.pdbx_host_org_tissue_fraction      ? 
_entity_src_gen.pdbx_host_org_strain               ? 
_entity_src_gen.pdbx_host_org_variant              ? 
_entity_src_gen.pdbx_host_org_cell_line            ? 
_entity_src_gen.pdbx_host_org_atcc                 ? 
_entity_src_gen.pdbx_host_org_culture_collection   ? 
_entity_src_gen.pdbx_host_org_cell                 ? 
_entity_src_gen.pdbx_host_org_organelle            ? 
_entity_src_gen.pdbx_host_org_cellular_location    ? 
_entity_src_gen.pdbx_host_org_vector_type          ? 
_entity_src_gen.pdbx_host_org_vector               ? 
_entity_src_gen.host_org_details                   ? 
_entity_src_gen.expression_system_id               ? 
_entity_src_gen.plasmid_name                       PPD21K 
_entity_src_gen.plasmid_details                    ? 
_entity_src_gen.pdbx_description                   ? 
# 
loop_
_chem_comp.id 
_chem_comp.type 
_chem_comp.mon_nstd_flag 
_chem_comp.name 
_chem_comp.pdbx_synonyms 
_chem_comp.formula 
_chem_comp.formula_weight 
ALA 'L-peptide linking' y ALANINE         ? 'C3 H7 N O2'     89.093  
ARG 'L-peptide linking' y ARGININE        ? 'C6 H15 N4 O2 1' 175.209 
ASN 'L-peptide linking' y ASPARAGINE      ? 'C4 H8 N2 O3'    132.118 
ASP 'L-peptide linking' y 'ASPARTIC ACID' ? 'C4 H7 N O4'     133.103 
CYS 'L-peptide linking' y CYSTEINE        ? 'C3 H7 N O2 S'   121.158 
GLN 'L-peptide linking' y GLUTAMINE       ? 'C5 H10 N2 O3'   146.144 
GLU 'L-peptide linking' y 'GLUTAMIC ACID' ? 'C5 H9 N O4'     147.129 
GLY 'peptide linking'   y GLYCINE         ? 'C2 H5 N O2'     75.067  
HIS 'L-peptide linking' y HISTIDINE       ? 'C6 H10 N3 O2 1' 156.162 
ILE 'L-peptide linking' y ISOLEUCINE      ? 'C6 H13 N O2'    131.173 
LEU 'L-peptide linking' y LEUCINE         ? 'C6 H13 N O2'    131.173 
LYS 'L-peptide linking' y LYSINE          ? 'C6 H15 N2 O2 1' 147.195 
MET 'L-peptide linking' y METHIONINE      ? 'C5 H11 N O2 S'  149.211 
PHE 'L-peptide linking' y PHENYLALANINE   ? 'C9 H11 N O2'    165.189 
SER 'L-peptide linking' y SERINE          ? 'C3 H7 N O3'     105.093 
THR 'L-peptide linking' y THREONINE       ? 'C4 H9 N O3'     119.119 
TYR 'L-peptide linking' y TYROSINE        ? 'C9 H11 N O3'    181.189 
VAL 'L-peptide linking' y VALINE          ? 'C5 H11 N O2'    117.146 
# 
loop_
_pdbx_poly_seq_scheme.asym_id 
_pdbx_poly_seq_scheme.entity_id 
_pdbx_poly_seq_scheme.seq_id 
_pdbx_poly_seq_scheme.mon_id 
_pdbx_poly_seq_scheme.ndb_seq_num 
_pdbx_poly_seq_scheme.pdb_seq_num 
_pdbx_poly_seq_scheme.auth_seq_num 
_pdbx_poly_seq_scheme.pdb_mon_id 
_pdbx_poly_seq_scheme.auth_mon_id 
_pdbx_poly_seq_scheme.pdb_strand_id 
_pdbx_poly_seq_scheme.pdb_ins_code 
_pdbx_poly_seq_scheme.hetero 
A 1 1  SER 1  1  1  SER SER A . n 
A 1 2  THR 2  2  2  THR THR A . n 
A 1 3  GLN 3  3  3  GLN GLN A . n 
A 1 4  SER 4  4  4  SER SER A . n 
A 1 5  ASN 5  5  5  ASN ASN A . n 
A 1 6  LYS 6  6  6  LYS LYS A . n 
A 1 7  LYS 7  7  7  LYS LYS A . n 
A 1 8  ASP 8  8  8  ASP ASP A . n 
A 1 9  LEU 9  9  9  LEU LEU A . n 
A 1 10 CYS 10 10 10 CYS CYS A . n 
A 1 11 GLU 11 11 11 GLU GLU A . n 
A 1 12 HIS 12 12 12 HIS HIS A . n 
A 1 13 TYR 13 13 13 TYR TYR A . n 
A 1 14 ARG 14 14 14 ARG ARG A . n 
A 1 15 GLN 15 15 15 GLN GLN A . n 
A 1 16 ILE 16 16 16 ILE ILE A . n 
A 1 17 ALA 17 17 17 ALA ALA A . n 
A 1 18 LYS 18 18 18 LYS LYS A . n 
A 1 19 GLU 19 19 19 GLU GLU A . n 
A 1 20 SER 20 20 20 SER SER A . n 
A 1 21 CYS 21 21 21 CYS CYS A . n 
A 1 22 LYS 22 22 22 LYS LYS A . n 
A 1 23 LYS 23 23 23 LYS LYS A . n 
A 1 24 GLY 24 24 24 GLY GLY A . n 
A 1 25 PHE 25 25 25 PHE PHE A . n 
A 1 26 LEU 26 26 26 LEU LEU A . n 
A 1 27 GLY 27 27 27 GLY GLY A . n 
A 1 28 VAL 28 28 28 VAL VAL A . n 
A 1 29 ARG 29 29 29 ARG ARG A . n 
A 1 30 ASP 30 30 30 ASP ASP A . n 
A 1 31 GLY 31 31 31 GLY GLY A . n 
A 1 32 THR 32 32 32 THR THR A . n 
A 1 33 ALA 33 33 33 ALA ALA A . n 
A 1 34 GLY 34 34 34 GLY GLY A . n 
A 1 35 ALA 35 35 35 ALA ALA A . n 
A 1 36 CYS 36 36 36 CYS CYS A . n 
A 1 37 PHE 37 37 37 PHE PHE A . n 
A 1 38 GLY 38 38 38 GLY GLY A . n 
A 1 39 ALA 39 39 39 ALA ALA A . n 
A 1 40 GLN 40 40 40 GLN GLN A . n 
A 1 41 ILE 41 41 41 ILE ILE A . n 
A 1 42 MET 42 42 42 MET MET A . n 
A 1 43 VAL 43 43 43 VAL VAL A . n 
A 1 44 ALA 44 44 44 ALA ALA A . n 
A 1 45 ALA 45 45 45 ALA ALA A . n 
A 1 46 LYS 46 46 46 LYS LYS A . n 
A 1 47 GLY 47 47 47 GLY GLY A . n 
A 1 48 CYS 48 48 48 CYS CYS A . n 
# 
_cell.entry_id           1EHS 
_cell.length_a           1.000 
_cell.length_b           1.000 
_cell.length_c           1.000 
_cell.angle_alpha        90.00 
_cell.angle_beta         90.00 
_cell.angle_gamma        90.00 
_cell.Z_PDB              1 
_cell.pdbx_unique_axis   ? 
# 
_symmetry.entry_id                         1EHS 
_symmetry.space_group_name_H-M             'P 1' 
_symmetry.pdbx_full_space_group_name_H-M   ? 
_symmetry.cell_setting                     ? 
_symmetry.Int_Tables_number                1 
# 
_exptl.entry_id          1EHS 
_exptl.method            'SOLUTION NMR' 
_exptl.crystals_number   ? 
# 
_struct.entry_id                  1EHS 
_struct.title                     
'THE STRUCTURE OF ESCHERICHIA COLI HEAT-STABLE ENTEROTOXIN B BY NUCLEAR MAGNETIC RESONANCE AND CIRCULAR DICHROISM' 
_struct.pdbx_model_details        ? 
_struct.pdbx_CASP_flag            ? 
_struct.pdbx_model_type_details   ? 
# 
_struct_keywords.entry_id        1EHS 
_struct_keywords.pdbx_keywords   ENTEROTOXIN 
_struct_keywords.text            'HEAT-STABLE, ENTEROTOXIN, DISULFIDE' 
# 
_struct_asym.id                            A 
_struct_asym.pdbx_blank_PDB_chainid_flag   Y 
_struct_asym.pdbx_modified                 N 
_struct_asym.entity_id                     1 
_struct_asym.details                       ? 
# 
_struct_ref.id                         1 
_struct_ref.db_name                    UNP 
_struct_ref.db_code                    HSTI_ECOLI 
_struct_ref.entity_id                  1 
_struct_ref.pdbx_db_accession          P22542 
_struct_ref.pdbx_align_begin           1 
_struct_ref.pdbx_seq_one_letter_code   MKKNIAFLLASMFVFSIATNAYASTQSNKKDLCEHYRQIAKESCKKGFLGVRDGTAGACFGAQIMVAAKGC 
_struct_ref.pdbx_db_isoform            ? 
# 
_struct_ref_seq.align_id                      1 
_struct_ref_seq.ref_id                        1 
_struct_ref_seq.pdbx_PDB_id_code              1EHS 
_struct_ref_seq.pdbx_strand_id                A 
_struct_ref_seq.seq_align_beg                 1 
_struct_ref_seq.pdbx_seq_align_beg_ins_code   ? 
_struct_ref_seq.seq_align_end                 48 
_struct_ref_seq.pdbx_seq_align_end_ins_code   ? 
_struct_ref_seq.pdbx_db_accession             P22542 
_struct_ref_seq.db_align_beg                  24 
_struct_ref_seq.pdbx_db_align_beg_ins_code    ? 
_struct_ref_seq.db_align_end                  71 
_struct_ref_seq.pdbx_db_align_end_ins_code    ? 
_struct_ref_seq.pdbx_auth_seq_align_beg       1 
_struct_ref_seq.pdbx_auth_seq_align_end       48 
# 
_pdbx_struct_assembly.id                   1 
_pdbx_struct_assembly.details              author_defined_assembly 
_pdbx_struct_assembly.method_details       ? 
_pdbx_struct_assembly.oligomeric_details   monomeric 
_pdbx_struct_assembly.oligomeric_count     1 
# 
_pdbx_struct_assembly_gen.assembly_id       1 
_pdbx_struct_assembly_gen.oper_expression   1 
_pdbx_struct_assembly_gen.asym_id_list      A 
# 
_pdbx_struct_oper_list.id                   1 
_pdbx_struct_oper_list.type                 'identity operation' 
_pdbx_struct_oper_list.name                 1_555 
_pdbx_struct_oper_list.symmetry_operation   x,y,z 
_pdbx_struct_oper_list.matrix[1][1]         1.0000000000 
_pdbx_struct_oper_list.matrix[1][2]         0.0000000000 
_pdbx_struct_oper_list.matrix[1][3]         0.0000000000 
_pdbx_struct_oper_list.vector[1]            0.0000000000 
_pdbx_struct_oper_list.matrix[2][1]         0.0000000000 
_pdbx_struct_oper_list.matrix[2][2]         1.0000000000 
_pdbx_struct_oper_list.matrix[2][3]         0.0000000000 
_pdbx_struct_oper_list.vector[2]            0.0000000000 
_pdbx_struct_oper_list.matrix[3][1]         0.0000000000 
_pdbx_struct_oper_list.matrix[3][2]         0.0000000000 
_pdbx_struct_oper_list.matrix[3][3]         1.0000000000 
_pdbx_struct_oper_list.vector[3]            0.0000000000 
# 
_struct_biol.id   1 
# 
loop_
_struct_conf.conf_type_id 
_struct_conf.id 
_struct_conf.pdbx_PDB_helix_id 
_struct_conf.beg_label_comp_id 
_struct_conf.beg_label_asym_id 
_struct_conf.beg_label_seq_id 
_struct_conf.pdbx_beg_PDB_ins_code 
_struct_conf.end_label_comp_id 
_struct_conf.end_label_asym_id 
_struct_conf.end_label_seq_id 
_struct_conf.pdbx_end_PDB_ins_code 
_struct_conf.beg_auth_comp_id 
_struct_conf.beg_auth_asym_id 
_struct_conf.beg_auth_seq_id 
_struct_conf.end_auth_comp_id 
_struct_conf.end_auth_asym_id 
_struct_conf.end_auth_seq_id 
_struct_conf.pdbx_PDB_helix_class 
_struct_conf.details 
_struct_conf.pdbx_PDB_helix_length 
HELX_P HELX_P1 1 HIS A 12 ? LYS A 22 ? HIS A 12 LYS A 22 1 ? 11 
HELX_P HELX_P2 2 GLN A 40 ? ALA A 45 ? GLN A 40 ALA A 45 1 ? 6  
# 
_struct_conf_type.id          HELX_P 
_struct_conf_type.criteria    ? 
_struct_conf_type.reference   ? 
# 
loop_
_struct_conn.id 
_struct_conn.conn_type_id 
_struct_conn.pdbx_leaving_atom_flag 
_struct_conn.pdbx_PDB_id 
_struct_conn.ptnr1_label_asym_id 
_struct_conn.ptnr1_label_comp_id 
_struct_conn.ptnr1_label_seq_id 
_struct_conn.ptnr1_label_atom_id 
_struct_conn.pdbx_ptnr1_label_alt_id 
_struct_conn.pdbx_ptnr1_PDB_ins_code 
_struct_conn.pdbx_ptnr1_standard_comp_id 
_struct_conn.ptnr1_symmetry 
_struct_conn.ptnr2_label_asym_id 
_struct_conn.ptnr2_label_comp_id 
_struct_conn.ptnr2_label_seq_id 
_struct_conn.ptnr2_label_atom_id 
_struct_conn.pdbx_ptnr2_label_alt_id 
_struct_conn.pdbx_ptnr2_PDB_ins_code 
_struct_conn.ptnr1_auth_asym_id 
_struct_conn.ptnr1_auth_comp_id 
_struct_conn.ptnr1_auth_seq_id 
_struct_conn.ptnr2_auth_asym_id 
_struct_conn.ptnr2_auth_comp_id 
_struct_conn.ptnr2_auth_seq_id 
_struct_conn.ptnr2_symmetry 
_struct_conn.pdbx_ptnr3_label_atom_id 
_struct_conn.pdbx_ptnr3_label_seq_id 
_struct_conn.pdbx_ptnr3_label_comp_id 
_struct_conn.pdbx_ptnr3_label_asym_id 
_struct_conn.pdbx_ptnr3_label_alt_id 
_struct_conn.pdbx_ptnr3_PDB_ins_code 
_struct_conn.details 
_struct_conn.pdbx_dist_value 
_struct_conn.pdbx_value_order 
_struct_conn.pdbx_role 
disulf1 disulf ? ? A CYS 10 SG ? ? ? 1_555 A CYS 48 SG ? ? A CYS 10 A CYS 48 1_555 ? ? ? ? ? ? ? 1.996 ? ? 
disulf2 disulf ? ? A CYS 21 SG ? ? ? 1_555 A CYS 36 SG ? ? A CYS 21 A CYS 36 1_555 ? ? ? ? ? ? ? 2.016 ? ? 
# 
_struct_conn_type.id          disulf 
_struct_conn_type.criteria    ? 
_struct_conn_type.reference   ? 
# 
loop_
_pdbx_modification_feature.ordinal 
_pdbx_modification_feature.label_comp_id 
_pdbx_modification_feature.label_asym_id 
_pdbx_modification_feature.label_seq_id 
_pdbx_modification_feature.label_alt_id 
_pdbx_modification_feature.modified_residue_label_comp_id 
_pdbx_modification_feature.modified_residue_label_asym_id 
_pdbx_modification_feature.modified_residue_label_seq_id 
_pdbx_modification_feature.modified_residue_label_alt_id 
_pdbx_modification_feature.auth_comp_id 
_pdbx_modification_feature.auth_asym_id 
_pdbx_modification_feature.auth_seq_id 
_pdbx_modification_feature.PDB_ins_code 
_pdbx_modification_feature.symmetry 
_pdbx_modification_feature.modified_residue_auth_comp_id 
_pdbx_modification_feature.modified_residue_auth_asym_id 
_pdbx_modification_feature.modified_residue_auth_seq_id 
_pdbx_modification_feature.modified_residue_PDB_ins_code 
_pdbx_modification_feature.modified_residue_symmetry 
_pdbx_modification_feature.comp_id_linking_atom 
_pdbx_modification_feature.modified_residue_id_linking_atom 
_pdbx_modification_feature.modified_residue_id 
_pdbx_modification_feature.ref_pcm_id 
_pdbx_modification_feature.ref_comp_id 
_pdbx_modification_feature.type 
_pdbx_modification_feature.category 
1 CYS A 10 ? CYS A 48 ? CYS A 10 ? 1_555 CYS A 48 ? 1_555 SG SG . . . None 'Disulfide bridge' 
2 CYS A 21 ? CYS A 36 ? CYS A 21 ? 1_555 CYS A 36 ? 1_555 SG SG . . . None 'Disulfide bridge' 
# 
_pdbx_entry_details.entry_id                   1EHS 
_pdbx_entry_details.compound_details           ? 
_pdbx_entry_details.source_details             ? 
_pdbx_entry_details.nonpolymer_details         ? 
_pdbx_entry_details.sequence_details           ? 
_pdbx_entry_details.has_ligand_of_interest     ? 
_pdbx_entry_details.has_protein_modification   Y 
# 
loop_
_pdbx_validate_rmsd_bond.id 
_pdbx_validate_rmsd_bond.PDB_model_num 
_pdbx_validate_rmsd_bond.auth_atom_id_1 
_pdbx_validate_rmsd_bond.auth_asym_id_1 
_pdbx_validate_rmsd_bond.auth_comp_id_1 
_pdbx_validate_rmsd_bond.auth_seq_id_1 
_pdbx_validate_rmsd_bond.PDB_ins_code_1 
_pdbx_validate_rmsd_bond.label_alt_id_1 
_pdbx_validate_rmsd_bond.auth_atom_id_2 
_pdbx_validate_rmsd_bond.auth_asym_id_2 
_pdbx_validate_rmsd_bond.auth_comp_id_2 
_pdbx_validate_rmsd_bond.auth_seq_id_2 
_pdbx_validate_rmsd_bond.PDB_ins_code_2 
_pdbx_validate_rmsd_bond.label_alt_id_2 
_pdbx_validate_rmsd_bond.bond_value 
_pdbx_validate_rmsd_bond.bond_target_value 
_pdbx_validate_rmsd_bond.bond_deviation 
_pdbx_validate_rmsd_bond.bond_standard_deviation 
_pdbx_validate_rmsd_bond.linker_flag 
1 1 CD A GLU 11 ? ? OE2 A GLU 11 ? ? 1.360 1.252 0.108 0.011 N 
2 1 CD A GLU 19 ? ? OE2 A GLU 19 ? ? 1.360 1.252 0.108 0.011 N 
3 1 C  A CYS 48 ? ? OXT A CYS 48 ? ? 1.371 1.229 0.142 0.019 N 
# 
loop_
_pdbx_validate_rmsd_angle.id 
_pdbx_validate_rmsd_angle.PDB_model_num 
_pdbx_validate_rmsd_angle.auth_atom_id_1 
_pdbx_validate_rmsd_angle.auth_asym_id_1 
_pdbx_validate_rmsd_angle.auth_comp_id_1 
_pdbx_validate_rmsd_angle.auth_seq_id_1 
_pdbx_validate_rmsd_angle.PDB_ins_code_1 
_pdbx_validate_rmsd_angle.label_alt_id_1 
_pdbx_validate_rmsd_angle.auth_atom_id_2 
_pdbx_validate_rmsd_angle.auth_asym_id_2 
_pdbx_validate_rmsd_angle.auth_comp_id_2 
_pdbx_validate_rmsd_angle.auth_seq_id_2 
_pdbx_validate_rmsd_angle.PDB_ins_code_2 
_pdbx_validate_rmsd_angle.label_alt_id_2 
_pdbx_validate_rmsd_angle.auth_atom_id_3 
_pdbx_validate_rmsd_angle.auth_asym_id_3 
_pdbx_validate_rmsd_angle.auth_comp_id_3 
_pdbx_validate_rmsd_angle.auth_seq_id_3 
_pdbx_validate_rmsd_angle.PDB_ins_code_3 
_pdbx_validate_rmsd_angle.label_alt_id_3 
_pdbx_validate_rmsd_angle.angle_value 
_pdbx_validate_rmsd_angle.angle_target_value 
_pdbx_validate_rmsd_angle.angle_deviation 
_pdbx_validate_rmsd_angle.angle_standard_deviation 
_pdbx_validate_rmsd_angle.linker_flag 
1 1 ND1 A HIS 12 ? ? CE1 A HIS 12 ? ? NE2 A HIS 12 ? ? 120.06 111.50 8.56  1.30 N 
2 1 N   A ARG 14 ? ? CA  A ARG 14 ? ? CB  A ARG 14 ? ? 121.63 110.60 11.03 1.80 N 
3 1 NE  A ARG 14 ? ? CZ  A ARG 14 ? ? NH1 A ARG 14 ? ? 124.48 120.30 4.18  0.50 N 
4 1 NE  A ARG 29 ? ? CZ  A ARG 29 ? ? NH1 A ARG 29 ? ? 124.67 120.30 4.37  0.50 N 
5 1 NE  A ARG 29 ? ? CZ  A ARG 29 ? ? NH2 A ARG 29 ? ? 117.15 120.30 -3.15 0.50 N 
6 1 CB  A ASP 30 ? ? CG  A ASP 30 ? ? OD2 A ASP 30 ? ? 112.22 118.30 -6.08 0.90 N 
# 
loop_
_pdbx_validate_torsion.id 
_pdbx_validate_torsion.PDB_model_num 
_pdbx_validate_torsion.auth_comp_id 
_pdbx_validate_torsion.auth_asym_id 
_pdbx_validate_torsion.auth_seq_id 
_pdbx_validate_torsion.PDB_ins_code 
_pdbx_validate_torsion.label_alt_id 
_pdbx_validate_torsion.phi 
_pdbx_validate_torsion.psi 
1  1 SER A 4  ? ? -137.88 -61.97 
2  1 LYS A 6  ? ? -69.56  27.40  
3  1 ASP A 8  ? ? 57.25   90.61  
4  1 LEU A 9  ? ? 138.76  -53.75 
5  1 ALA A 17 ? ? -50.11  -8.52  
6  1 PHE A 25 ? ? -146.02 20.34  
7  1 ASP A 30 ? ? 50.55   17.34  
8  1 THR A 32 ? ? 155.05  -59.56 
9  1 PHE A 37 ? ? -159.98 -43.97 
10 1 LYS A 46 ? ? -135.98 -59.86 
# 
loop_
_pdbx_validate_peptide_omega.id 
_pdbx_validate_peptide_omega.PDB_model_num 
_pdbx_validate_peptide_omega.auth_comp_id_1 
_pdbx_validate_peptide_omega.auth_asym_id_1 
_pdbx_validate_peptide_omega.auth_seq_id_1 
_pdbx_validate_peptide_omega.PDB_ins_code_1 
_pdbx_validate_peptide_omega.label_alt_id_1 
_pdbx_validate_peptide_omega.auth_comp_id_2 
_pdbx_validate_peptide_omega.auth_asym_id_2 
_pdbx_validate_peptide_omega.auth_seq_id_2 
_pdbx_validate_peptide_omega.PDB_ins_code_2 
_pdbx_validate_peptide_omega.label_alt_id_2 
_pdbx_validate_peptide_omega.omega 
1 1 ASP A 8  ? ? LEU A 9  ? ? -140.91 
2 1 CYS A 10 ? ? GLU A 11 ? ? 149.97  
3 1 ASP A 30 ? ? GLY A 31 ? ? 115.37  
# 
_pdbx_nmr_ensemble.entry_id                             1EHS 
_pdbx_nmr_ensemble.conformers_calculated_total_number   ? 
_pdbx_nmr_ensemble.conformers_submitted_total_number    1 
_pdbx_nmr_ensemble.conformer_selection_criteria         ? 
# 
_pdbx_nmr_software.classification   refinement 
_pdbx_nmr_software.name             DGII 
_pdbx_nmr_software.version          ? 
_pdbx_nmr_software.authors          'BIOSYM TECHNOLOGIES' 
_pdbx_nmr_software.ordinal          1 
# 
loop_
_chem_comp_atom.comp_id 
_chem_comp_atom.atom_id 
_chem_comp_atom.type_symbol 
_chem_comp_atom.pdbx_aromatic_flag 
_chem_comp_atom.pdbx_stereo_config 
_chem_comp_atom.pdbx_ordinal 
ALA N    N N N 1   
ALA CA   C N S 2   
ALA C    C N N 3   
ALA O    O N N 4   
ALA CB   C N N 5   
ALA OXT  O N N 6   
ALA H    H N N 7   
ALA H2   H N N 8   
ALA HA   H N N 9   
ALA HB1  H N N 10  
ALA HB2  H N N 11  
ALA HB3  H N N 12  
ALA HXT  H N N 13  
ARG N    N N N 14  
ARG CA   C N S 15  
ARG C    C N N 16  
ARG O    O N N 17  
ARG CB   C N N 18  
ARG CG   C N N 19  
ARG CD   C N N 20  
ARG NE   N N N 21  
ARG CZ   C N N 22  
ARG NH1  N N N 23  
ARG NH2  N N N 24  
ARG OXT  O N N 25  
ARG H    H N N 26  
ARG H2   H N N 27  
ARG HA   H N N 28  
ARG HB2  H N N 29  
ARG HB3  H N N 30  
ARG HG2  H N N 31  
ARG HG3  H N N 32  
ARG HD2  H N N 33  
ARG HD3  H N N 34  
ARG HE   H N N 35  
ARG HH11 H N N 36  
ARG HH12 H N N 37  
ARG HH21 H N N 38  
ARG HH22 H N N 39  
ARG HXT  H N N 40  
ASN N    N N N 41  
ASN CA   C N S 42  
ASN C    C N N 43  
ASN O    O N N 44  
ASN CB   C N N 45  
ASN CG   C N N 46  
ASN OD1  O N N 47  
ASN ND2  N N N 48  
ASN OXT  O N N 49  
ASN H    H N N 50  
ASN H2   H N N 51  
ASN HA   H N N 52  
ASN HB2  H N N 53  
ASN HB3  H N N 54  
ASN HD21 H N N 55  
ASN HD22 H N N 56  
ASN HXT  H N N 57  
ASP N    N N N 58  
ASP CA   C N S 59  
ASP C    C N N 60  
ASP O    O N N 61  
ASP CB   C N N 62  
ASP CG   C N N 63  
ASP OD1  O N N 64  
ASP OD2  O N N 65  
ASP OXT  O N N 66  
ASP H    H N N 67  
ASP H2   H N N 68  
ASP HA   H N N 69  
ASP HB2  H N N 70  
ASP HB3  H N N 71  
ASP HD2  H N N 72  
ASP HXT  H N N 73  
CYS N    N N N 74  
CYS CA   C N R 75  
CYS C    C N N 76  
CYS O    O N N 77  
CYS CB   C N N 78  
CYS SG   S N N 79  
CYS OXT  O N N 80  
CYS H    H N N 81  
CYS H2   H N N 82  
CYS HA   H N N 83  
CYS HB2  H N N 84  
CYS HB3  H N N 85  
CYS HG   H N N 86  
CYS HXT  H N N 87  
GLN N    N N N 88  
GLN CA   C N S 89  
GLN C    C N N 90  
GLN O    O N N 91  
GLN CB   C N N 92  
GLN CG   C N N 93  
GLN CD   C N N 94  
GLN OE1  O N N 95  
GLN NE2  N N N 96  
GLN OXT  O N N 97  
GLN H    H N N 98  
GLN H2   H N N 99  
GLN HA   H N N 100 
GLN HB2  H N N 101 
GLN HB3  H N N 102 
GLN HG2  H N N 103 
GLN HG3  H N N 104 
GLN HE21 H N N 105 
GLN HE22 H N N 106 
GLN HXT  H N N 107 
GLU N    N N N 108 
GLU CA   C N S 109 
GLU C    C N N 110 
GLU O    O N N 111 
GLU CB   C N N 112 
GLU CG   C N N 113 
GLU CD   C N N 114 
GLU OE1  O N N 115 
GLU OE2  O N N 116 
GLU OXT  O N N 117 
GLU H    H N N 118 
GLU H2   H N N 119 
GLU HA   H N N 120 
GLU HB2  H N N 121 
GLU HB3  H N N 122 
GLU HG2  H N N 123 
GLU HG3  H N N 124 
GLU HE2  H N N 125 
GLU HXT  H N N 126 
GLY N    N N N 127 
GLY CA   C N N 128 
GLY C    C N N 129 
GLY O    O N N 130 
GLY OXT  O N N 131 
GLY H    H N N 132 
GLY H2   H N N 133 
GLY HA2  H N N 134 
GLY HA3  H N N 135 
GLY HXT  H N N 136 
HIS N    N N N 137 
HIS CA   C N S 138 
HIS C    C N N 139 
HIS O    O N N 140 
HIS CB   C N N 141 
HIS CG   C Y N 142 
HIS ND1  N Y N 143 
HIS CD2  C Y N 144 
HIS CE1  C Y N 145 
HIS NE2  N Y N 146 
HIS OXT  O N N 147 
HIS H    H N N 148 
HIS H2   H N N 149 
HIS HA   H N N 150 
HIS HB2  H N N 151 
HIS HB3  H N N 152 
HIS HD1  H N N 153 
HIS HD2  H N N 154 
HIS HE1  H N N 155 
HIS HE2  H N N 156 
HIS HXT  H N N 157 
ILE N    N N N 158 
ILE CA   C N S 159 
ILE C    C N N 160 
ILE O    O N N 161 
ILE CB   C N S 162 
ILE CG1  C N N 163 
ILE CG2  C N N 164 
ILE CD1  C N N 165 
ILE OXT  O N N 166 
ILE H    H N N 167 
ILE H2   H N N 168 
ILE HA   H N N 169 
ILE HB   H N N 170 
ILE HG12 H N N 171 
ILE HG13 H N N 172 
ILE HG21 H N N 173 
ILE HG22 H N N 174 
ILE HG23 H N N 175 
ILE HD11 H N N 176 
ILE HD12 H N N 177 
ILE HD13 H N N 178 
ILE HXT  H N N 179 
LEU N    N N N 180 
LEU CA   C N S 181 
LEU C    C N N 182 
LEU O    O N N 183 
LEU CB   C N N 184 
LEU CG   C N N 185 
LEU CD1  C N N 186 
LEU CD2  C N N 187 
LEU OXT  O N N 188 
LEU H    H N N 189 
LEU H2   H N N 190 
LEU HA   H N N 191 
LEU HB2  H N N 192 
LEU HB3  H N N 193 
LEU HG   H N N 194 
LEU HD11 H N N 195 
LEU HD12 H N N 196 
LEU HD13 H N N 197 
LEU HD21 H N N 198 
LEU HD22 H N N 199 
LEU HD23 H N N 200 
LEU HXT  H N N 201 
LYS N    N N N 202 
LYS CA   C N S 203 
LYS C    C N N 204 
LYS O    O N N 205 
LYS CB   C N N 206 
LYS CG   C N N 207 
LYS CD   C N N 208 
LYS CE   C N N 209 
LYS NZ   N N N 210 
LYS OXT  O N N 211 
LYS H    H N N 212 
LYS H2   H N N 213 
LYS HA   H N N 214 
LYS HB2  H N N 215 
LYS HB3  H N N 216 
LYS HG2  H N N 217 
LYS HG3  H N N 218 
LYS HD2  H N N 219 
LYS HD3  H N N 220 
LYS HE2  H N N 221 
LYS HE3  H N N 222 
LYS HZ1  H N N 223 
LYS HZ2  H N N 224 
LYS HZ3  H N N 225 
LYS HXT  H N N 226 
MET N    N N N 227 
MET CA   C N S 228 
MET C    C N N 229 
MET O    O N N 230 
MET CB   C N N 231 
MET CG   C N N 232 
MET SD   S N N 233 
MET CE   C N N 234 
MET OXT  O N N 235 
MET H    H N N 236 
MET H2   H N N 237 
MET HA   H N N 238 
MET HB2  H N N 239 
MET HB3  H N N 240 
MET HG2  H N N 241 
MET HG3  H N N 242 
MET HE1  H N N 243 
MET HE2  H N N 244 
MET HE3  H N N 245 
MET HXT  H N N 246 
PHE N    N N N 247 
PHE CA   C N S 248 
PHE C    C N N 249 
PHE O    O N N 250 
PHE CB   C N N 251 
PHE CG   C Y N 252 
PHE CD1  C Y N 253 
PHE CD2  C Y N 254 
PHE CE1  C Y N 255 
PHE CE2  C Y N 256 
PHE CZ   C Y N 257 
PHE OXT  O N N 258 
PHE H    H N N 259 
PHE H2   H N N 260 
PHE HA   H N N 261 
PHE HB2  H N N 262 
PHE HB3  H N N 263 
PHE HD1  H N N 264 
PHE HD2  H N N 265 
PHE HE1  H N N 266 
PHE HE2  H N N 267 
PHE HZ   H N N 268 
PHE HXT  H N N 269 
SER N    N N N 270 
SER CA   C N S 271 
SER C    C N N 272 
SER O    O N N 273 
SER CB   C N N 274 
SER OG   O N N 275 
SER OXT  O N N 276 
SER H    H N N 277 
SER H2   H N N 278 
SER HA   H N N 279 
SER HB2  H N N 280 
SER HB3  H N N 281 
SER HG   H N N 282 
SER HXT  H N N 283 
THR N    N N N 284 
THR CA   C N S 285 
THR C    C N N 286 
THR O    O N N 287 
THR CB   C N R 288 
THR OG1  O N N 289 
THR CG2  C N N 290 
THR OXT  O N N 291 
THR H    H N N 292 
THR H2   H N N 293 
THR HA   H N N 294 
THR HB   H N N 295 
THR HG1  H N N 296 
THR HG21 H N N 297 
THR HG22 H N N 298 
THR HG23 H N N 299 
THR HXT  H N N 300 
TYR N    N N N 301 
TYR CA   C N S 302 
TYR C    C N N 303 
TYR O    O N N 304 
TYR CB   C N N 305 
TYR CG   C Y N 306 
TYR CD1  C Y N 307 
TYR CD2  C Y N 308 
TYR CE1  C Y N 309 
TYR CE2  C Y N 310 
TYR CZ   C Y N 311 
TYR OH   O N N 312 
TYR OXT  O N N 313 
TYR H    H N N 314 
TYR H2   H N N 315 
TYR HA   H N N 316 
TYR HB2  H N N 317 
TYR HB3  H N N 318 
TYR HD1  H N N 319 
TYR HD2  H N N 320 
TYR HE1  H N N 321 
TYR HE2  H N N 322 
TYR HH   H N N 323 
TYR HXT  H N N 324 
VAL N    N N N 325 
VAL CA   C N S 326 
VAL C    C N N 327 
VAL O    O N N 328 
VAL CB   C N N 329 
VAL CG1  C N N 330 
VAL CG2  C N N 331 
VAL OXT  O N N 332 
VAL H    H N N 333 
VAL H2   H N N 334 
VAL HA   H N N 335 
VAL HB   H N N 336 
VAL HG11 H N N 337 
VAL HG12 H N N 338 
VAL HG13 H N N 339 
VAL HG21 H N N 340 
VAL HG22 H N N 341 
VAL HG23 H N N 342 
VAL HXT  H N N 343 
# 
loop_
_chem_comp_bond.comp_id 
_chem_comp_bond.atom_id_1 
_chem_comp_bond.atom_id_2 
_chem_comp_bond.value_order 
_chem_comp_bond.pdbx_aromatic_flag 
_chem_comp_bond.pdbx_stereo_config 
_chem_comp_bond.pdbx_ordinal 
ALA N   CA   sing N N 1   
ALA N   H    sing N N 2   
ALA N   H2   sing N N 3   
ALA CA  C    sing N N 4   
ALA CA  CB   sing N N 5   
ALA CA  HA   sing N N 6   
ALA C   O    doub N N 7   
ALA C   OXT  sing N N 8   
ALA CB  HB1  sing N N 9   
ALA CB  HB2  sing N N 10  
ALA CB  HB3  sing N N 11  
ALA OXT HXT  sing N N 12  
ARG N   CA   sing N N 13  
ARG N   H    sing N N 14  
ARG N   H2   sing N N 15  
ARG CA  C    sing N N 16  
ARG CA  CB   sing N N 17  
ARG CA  HA   sing N N 18  
ARG C   O    doub N N 19  
ARG C   OXT  sing N N 20  
ARG CB  CG   sing N N 21  
ARG CB  HB2  sing N N 22  
ARG CB  HB3  sing N N 23  
ARG CG  CD   sing N N 24  
ARG CG  HG2  sing N N 25  
ARG CG  HG3  sing N N 26  
ARG CD  NE   sing N N 27  
ARG CD  HD2  sing N N 28  
ARG CD  HD3  sing N N 29  
ARG NE  CZ   sing N N 30  
ARG NE  HE   sing N N 31  
ARG CZ  NH1  sing N N 32  
ARG CZ  NH2  doub N N 33  
ARG NH1 HH11 sing N N 34  
ARG NH1 HH12 sing N N 35  
ARG NH2 HH21 sing N N 36  
ARG NH2 HH22 sing N N 37  
ARG OXT HXT  sing N N 38  
ASN N   CA   sing N N 39  
ASN N   H    sing N N 40  
ASN N   H2   sing N N 41  
ASN CA  C    sing N N 42  
ASN CA  CB   sing N N 43  
ASN CA  HA   sing N N 44  
ASN C   O    doub N N 45  
ASN C   OXT  sing N N 46  
ASN CB  CG   sing N N 47  
ASN CB  HB2  sing N N 48  
ASN CB  HB3  sing N N 49  
ASN CG  OD1  doub N N 50  
ASN CG  ND2  sing N N 51  
ASN ND2 HD21 sing N N 52  
ASN ND2 HD22 sing N N 53  
ASN OXT HXT  sing N N 54  
ASP N   CA   sing N N 55  
ASP N   H    sing N N 56  
ASP N   H2   sing N N 57  
ASP CA  C    sing N N 58  
ASP CA  CB   sing N N 59  
ASP CA  HA   sing N N 60  
ASP C   O    doub N N 61  
ASP C   OXT  sing N N 62  
ASP CB  CG   sing N N 63  
ASP CB  HB2  sing N N 64  
ASP CB  HB3  sing N N 65  
ASP CG  OD1  doub N N 66  
ASP CG  OD2  sing N N 67  
ASP OD2 HD2  sing N N 68  
ASP OXT HXT  sing N N 69  
CYS N   CA   sing N N 70  
CYS N   H    sing N N 71  
CYS N   H2   sing N N 72  
CYS CA  C    sing N N 73  
CYS CA  CB   sing N N 74  
CYS CA  HA   sing N N 75  
CYS C   O    doub N N 76  
CYS C   OXT  sing N N 77  
CYS CB  SG   sing N N 78  
CYS CB  HB2  sing N N 79  
CYS CB  HB3  sing N N 80  
CYS SG  HG   sing N N 81  
CYS OXT HXT  sing N N 82  
GLN N   CA   sing N N 83  
GLN N   H    sing N N 84  
GLN N   H2   sing N N 85  
GLN CA  C    sing N N 86  
GLN CA  CB   sing N N 87  
GLN CA  HA   sing N N 88  
GLN C   O    doub N N 89  
GLN C   OXT  sing N N 90  
GLN CB  CG   sing N N 91  
GLN CB  HB2  sing N N 92  
GLN CB  HB3  sing N N 93  
GLN CG  CD   sing N N 94  
GLN CG  HG2  sing N N 95  
GLN CG  HG3  sing N N 96  
GLN CD  OE1  doub N N 97  
GLN CD  NE2  sing N N 98  
GLN NE2 HE21 sing N N 99  
GLN NE2 HE22 sing N N 100 
GLN OXT HXT  sing N N 101 
GLU N   CA   sing N N 102 
GLU N   H    sing N N 103 
GLU N   H2   sing N N 104 
GLU CA  C    sing N N 105 
GLU CA  CB   sing N N 106 
GLU CA  HA   sing N N 107 
GLU C   O    doub N N 108 
GLU C   OXT  sing N N 109 
GLU CB  CG   sing N N 110 
GLU CB  HB2  sing N N 111 
GLU CB  HB3  sing N N 112 
GLU CG  CD   sing N N 113 
GLU CG  HG2  sing N N 114 
GLU CG  HG3  sing N N 115 
GLU CD  OE1  doub N N 116 
GLU CD  OE2  sing N N 117 
GLU OE2 HE2  sing N N 118 
GLU OXT HXT  sing N N 119 
GLY N   CA   sing N N 120 
GLY N   H    sing N N 121 
GLY N   H2   sing N N 122 
GLY CA  C    sing N N 123 
GLY CA  HA2  sing N N 124 
GLY CA  HA3  sing N N 125 
GLY C   O    doub N N 126 
GLY C   OXT  sing N N 127 
GLY OXT HXT  sing N N 128 
HIS N   CA   sing N N 129 
HIS N   H    sing N N 130 
HIS N   H2   sing N N 131 
HIS CA  C    sing N N 132 
HIS CA  CB   sing N N 133 
HIS CA  HA   sing N N 134 
HIS C   O    doub N N 135 
HIS C   OXT  sing N N 136 
HIS CB  CG   sing N N 137 
HIS CB  HB2  sing N N 138 
HIS CB  HB3  sing N N 139 
HIS CG  ND1  sing Y N 140 
HIS CG  CD2  doub Y N 141 
HIS ND1 CE1  doub Y N 142 
HIS ND1 HD1  sing N N 143 
HIS CD2 NE2  sing Y N 144 
HIS CD2 HD2  sing N N 145 
HIS CE1 NE2  sing Y N 146 
HIS CE1 HE1  sing N N 147 
HIS NE2 HE2  sing N N 148 
HIS OXT HXT  sing N N 149 
ILE N   CA   sing N N 150 
ILE N   H    sing N N 151 
ILE N   H2   sing N N 152 
ILE CA  C    sing N N 153 
ILE CA  CB   sing N N 154 
ILE CA  HA   sing N N 155 
ILE C   O    doub N N 156 
ILE C   OXT  sing N N 157 
ILE CB  CG1  sing N N 158 
ILE CB  CG2  sing N N 159 
ILE CB  HB   sing N N 160 
ILE CG1 CD1  sing N N 161 
ILE CG1 HG12 sing N N 162 
ILE CG1 HG13 sing N N 163 
ILE CG2 HG21 sing N N 164 
ILE CG2 HG22 sing N N 165 
ILE CG2 HG23 sing N N 166 
ILE CD1 HD11 sing N N 167 
ILE CD1 HD12 sing N N 168 
ILE CD1 HD13 sing N N 169 
ILE OXT HXT  sing N N 170 
LEU N   CA   sing N N 171 
LEU N   H    sing N N 172 
LEU N   H2   sing N N 173 
LEU CA  C    sing N N 174 
LEU CA  CB   sing N N 175 
LEU CA  HA   sing N N 176 
LEU C   O    doub N N 177 
LEU C   OXT  sing N N 178 
LEU CB  CG   sing N N 179 
LEU CB  HB2  sing N N 180 
LEU CB  HB3  sing N N 181 
LEU CG  CD1  sing N N 182 
LEU CG  CD2  sing N N 183 
LEU CG  HG   sing N N 184 
LEU CD1 HD11 sing N N 185 
LEU CD1 HD12 sing N N 186 
LEU CD1 HD13 sing N N 187 
LEU CD2 HD21 sing N N 188 
LEU CD2 HD22 sing N N 189 
LEU CD2 HD23 sing N N 190 
LEU OXT HXT  sing N N 191 
LYS N   CA   sing N N 192 
LYS N   H    sing N N 193 
LYS N   H2   sing N N 194 
LYS CA  C    sing N N 195 
LYS CA  CB   sing N N 196 
LYS CA  HA   sing N N 197 
LYS C   O    doub N N 198 
LYS C   OXT  sing N N 199 
LYS CB  CG   sing N N 200 
LYS CB  HB2  sing N N 201 
LYS CB  HB3  sing N N 202 
LYS CG  CD   sing N N 203 
LYS CG  HG2  sing N N 204 
LYS CG  HG3  sing N N 205 
LYS CD  CE   sing N N 206 
LYS CD  HD2  sing N N 207 
LYS CD  HD3  sing N N 208 
LYS CE  NZ   sing N N 209 
LYS CE  HE2  sing N N 210 
LYS CE  HE3  sing N N 211 
LYS NZ  HZ1  sing N N 212 
LYS NZ  HZ2  sing N N 213 
LYS NZ  HZ3  sing N N 214 
LYS OXT HXT  sing N N 215 
MET N   CA   sing N N 216 
MET N   H    sing N N 217 
MET N   H2   sing N N 218 
MET CA  C    sing N N 219 
MET CA  CB   sing N N 220 
MET CA  HA   sing N N 221 
MET C   O    doub N N 222 
MET C   OXT  sing N N 223 
MET CB  CG   sing N N 224 
MET CB  HB2  sing N N 225 
MET CB  HB3  sing N N 226 
MET CG  SD   sing N N 227 
MET CG  HG2  sing N N 228 
MET CG  HG3  sing N N 229 
MET SD  CE   sing N N 230 
MET CE  HE1  sing N N 231 
MET CE  HE2  sing N N 232 
MET CE  HE3  sing N N 233 
MET OXT HXT  sing N N 234 
PHE N   CA   sing N N 235 
PHE N   H    sing N N 236 
PHE N   H2   sing N N 237 
PHE CA  C    sing N N 238 
PHE CA  CB   sing N N 239 
PHE CA  HA   sing N N 240 
PHE C   O    doub N N 241 
PHE C   OXT  sing N N 242 
PHE CB  CG   sing N N 243 
PHE CB  HB2  sing N N 244 
PHE CB  HB3  sing N N 245 
PHE CG  CD1  doub Y N 246 
PHE CG  CD2  sing Y N 247 
PHE CD1 CE1  sing Y N 248 
PHE CD1 HD1  sing N N 249 
PHE CD2 CE2  doub Y N 250 
PHE CD2 HD2  sing N N 251 
PHE CE1 CZ   doub Y N 252 
PHE CE1 HE1  sing N N 253 
PHE CE2 CZ   sing Y N 254 
PHE CE2 HE2  sing N N 255 
PHE CZ  HZ   sing N N 256 
PHE OXT HXT  sing N N 257 
SER N   CA   sing N N 258 
SER N   H    sing N N 259 
SER N   H2   sing N N 260 
SER CA  C    sing N N 261 
SER CA  CB   sing N N 262 
SER CA  HA   sing N N 263 
SER C   O    doub N N 264 
SER C   OXT  sing N N 265 
SER CB  OG   sing N N 266 
SER CB  HB2  sing N N 267 
SER CB  HB3  sing N N 268 
SER OG  HG   sing N N 269 
SER OXT HXT  sing N N 270 
THR N   CA   sing N N 271 
THR N   H    sing N N 272 
THR N   H2   sing N N 273 
THR CA  C    sing N N 274 
THR CA  CB   sing N N 275 
THR CA  HA   sing N N 276 
THR C   O    doub N N 277 
THR C   OXT  sing N N 278 
THR CB  OG1  sing N N 279 
THR CB  CG2  sing N N 280 
THR CB  HB   sing N N 281 
THR OG1 HG1  sing N N 282 
THR CG2 HG21 sing N N 283 
THR CG2 HG22 sing N N 284 
THR CG2 HG23 sing N N 285 
THR OXT HXT  sing N N 286 
TYR N   CA   sing N N 287 
TYR N   H    sing N N 288 
TYR N   H2   sing N N 289 
TYR CA  C    sing N N 290 
TYR CA  CB   sing N N 291 
TYR CA  HA   sing N N 292 
TYR C   O    doub N N 293 
TYR C   OXT  sing N N 294 
TYR CB  CG   sing N N 295 
TYR CB  HB2  sing N N 296 
TYR CB  HB3  sing N N 297 
TYR CG  CD1  doub Y N 298 
TYR CG  CD2  sing Y N 299 
TYR CD1 CE1  sing Y N 300 
TYR CD1 HD1  sing N N 301 
TYR CD2 CE2  doub Y N 302 
TYR CD2 HD2  sing N N 303 
TYR CE1 CZ   doub Y N 304 
TYR CE1 HE1  sing N N 305 
TYR CE2 CZ   sing Y N 306 
TYR CE2 HE2  sing N N 307 
TYR CZ  OH   sing N N 308 
TYR OH  HH   sing N N 309 
TYR OXT HXT  sing N N 310 
VAL N   CA   sing N N 311 
VAL N   H    sing N N 312 
VAL N   H2   sing N N 313 
VAL CA  C    sing N N 314 
VAL CA  CB   sing N N 315 
VAL CA  HA   sing N N 316 
VAL C   O    doub N N 317 
VAL C   OXT  sing N N 318 
VAL CB  CG1  sing N N 319 
VAL CB  CG2  sing N N 320 
VAL CB  HB   sing N N 321 
VAL CG1 HG11 sing N N 322 
VAL CG1 HG12 sing N N 323 
VAL CG1 HG13 sing N N 324 
VAL CG2 HG21 sing N N 325 
VAL CG2 HG22 sing N N 326 
VAL CG2 HG23 sing N N 327 
VAL OXT HXT  sing N N 328 
# 
_atom_sites.entry_id                    1EHS 
_atom_sites.fract_transf_matrix[1][1]   1.000000 
_atom_sites.fract_transf_matrix[1][2]   0.000000 
_atom_sites.fract_transf_matrix[1][3]   0.000000 
_atom_sites.fract_transf_matrix[2][1]   0.000000 
_atom_sites.fract_transf_matrix[2][2]   1.000000 
_atom_sites.fract_transf_matrix[2][3]   0.000000 
_atom_sites.fract_transf_matrix[3][1]   0.000000 
_atom_sites.fract_transf_matrix[3][2]   0.000000 
_atom_sites.fract_transf_matrix[3][3]   1.000000 
_atom_sites.fract_transf_vector[1]      0.00000 
_atom_sites.fract_transf_vector[2]      0.00000 
_atom_sites.fract_transf_vector[3]      0.00000 
# 
loop_
_atom_type.symbol 
C 
H 
N 
O 
S 
# 
loop_
_atom_site.group_PDB 
_atom_site.id 
_atom_site.type_symbol 
_atom_site.label_atom_id 
_atom_site.label_alt_id 
_atom_site.label_comp_id 
_atom_site.label_asym_id 
_atom_site.label_entity_id 
_atom_site.label_seq_id 
_atom_site.pdbx_PDB_ins_code 
_atom_site.Cartn_x 
_atom_site.Cartn_y 
_atom_site.Cartn_z 
_atom_site.occupancy 
_atom_site.B_iso_or_equiv 
_atom_site.pdbx_formal_charge 
_atom_site.auth_seq_id 
_atom_site.auth_comp_id 
_atom_site.auth_asym_id 
_atom_site.auth_atom_id 
_atom_site.pdbx_PDB_model_num 
ATOM 1   N N    . SER A 1 1  ? 3.886   20.383  1.715   1.00 0.00 ? 1  SER A N    1 
ATOM 2   C CA   . SER A 1 1  ? 5.151   20.703  1.000   1.00 0.00 ? 1  SER A CA   1 
ATOM 3   C C    . SER A 1 1  ? 5.385   19.790  -0.240  1.00 0.00 ? 1  SER A C    1 
ATOM 4   O O    . SER A 1 1  ? 5.301   20.277  -1.368  1.00 0.00 ? 1  SER A O    1 
ATOM 5   C CB   . SER A 1 1  ? 6.329   20.754  2.003   1.00 0.00 ? 1  SER A CB   1 
ATOM 6   O OG   . SER A 1 1  ? 6.108   21.765  2.982   1.00 0.00 ? 1  SER A OG   1 
ATOM 7   H H1   . SER A 1 1  ? 3.909   19.426  2.084   1.00 0.00 ? 1  SER A H1   1 
ATOM 8   H H2   . SER A 1 1  ? 3.091   20.405  1.064   1.00 0.00 ? 1  SER A H2   1 
ATOM 9   H HA   . SER A 1 1  ? 5.043   21.729  0.598   1.00 0.00 ? 1  SER A HA   1 
ATOM 10  H HB2  . SER A 1 1  ? 6.477   19.776  2.505   1.00 0.00 ? 1  SER A HB2  1 
ATOM 11  H HB3  . SER A 1 1  ? 7.279   20.968  1.477   1.00 0.00 ? 1  SER A HB3  1 
ATOM 12  H HG   . SER A 1 1  ? 5.175   21.699  3.219   1.00 0.00 ? 1  SER A HG   1 
ATOM 13  N N    . THR A 1 2  ? 5.662   18.485  -0.053  1.00 0.00 ? 2  THR A N    1 
ATOM 14  C CA   . THR A 1 2  ? 5.875   17.526  -1.186  1.00 0.00 ? 2  THR A CA   1 
ATOM 15  C C    . THR A 1 2  ? 4.606   17.126  -2.014  1.00 0.00 ? 2  THR A C    1 
ATOM 16  O O    . THR A 1 2  ? 4.695   16.987  -3.237  1.00 0.00 ? 2  THR A O    1 
ATOM 17  C CB   . THR A 1 2  ? 6.699   16.300  -0.687  1.00 0.00 ? 2  THR A CB   1 
ATOM 18  O OG1  . THR A 1 2  ? 7.202   15.574  -1.803  1.00 0.00 ? 2  THR A OG1  1 
ATOM 19  C CG2  . THR A 1 2  ? 5.991   15.280  0.225   1.00 0.00 ? 2  THR A CG2  1 
ATOM 20  H H    . THR A 1 2  ? 5.752   18.210  0.929   1.00 0.00 ? 2  THR A H    1 
ATOM 21  H HA   . THR A 1 2  ? 6.536   18.037  -1.915  1.00 0.00 ? 2  THR A HA   1 
ATOM 22  H HB   . THR A 1 2  ? 7.572   16.688  -0.131  1.00 0.00 ? 2  THR A HB   1 
ATOM 23  H HG1  . THR A 1 2  ? 6.440   15.188  -2.242  1.00 0.00 ? 2  THR A HG1  1 
ATOM 24  H HG21 . THR A 1 2  ? 5.597   15.751  1.146   1.00 0.00 ? 2  THR A HG21 1 
ATOM 25  H HG22 . THR A 1 2  ? 5.142   14.780  -0.276  1.00 0.00 ? 2  THR A HG22 1 
ATOM 26  H HG23 . THR A 1 2  ? 6.686   14.483  0.544   1.00 0.00 ? 2  THR A HG23 1 
ATOM 27  N N    . GLN A 1 3  ? 3.460   16.899  -1.354  1.00 0.00 ? 3  GLN A N    1 
ATOM 28  C CA   . GLN A 1 3  ? 2.173   16.553  -2.018  1.00 0.00 ? 3  GLN A CA   1 
ATOM 29  C C    . GLN A 1 3  ? 1.021   17.453  -1.466  1.00 0.00 ? 3  GLN A C    1 
ATOM 30  O O    . GLN A 1 3  ? 0.922   17.725  -0.265  1.00 0.00 ? 3  GLN A O    1 
ATOM 31  C CB   . GLN A 1 3  ? 1.834   15.055  -1.790  1.00 0.00 ? 3  GLN A CB   1 
ATOM 32  C CG   . GLN A 1 3  ? 2.723   14.028  -2.541  1.00 0.00 ? 3  GLN A CG   1 
ATOM 33  C CD   . GLN A 1 3  ? 2.556   12.580  -2.076  1.00 0.00 ? 3  GLN A CD   1 
ATOM 34  O OE1  . GLN A 1 3  ? 3.370   12.042  -1.334  1.00 0.00 ? 3  GLN A OE1  1 
ATOM 35  N NE2  . GLN A 1 3  ? 1.520   11.885  -2.479  1.00 0.00 ? 3  GLN A NE2  1 
ATOM 36  H H    . GLN A 1 3  ? 3.545   17.058  -0.343  1.00 0.00 ? 3  GLN A H    1 
ATOM 37  H HA   . GLN A 1 3  ? 2.255   16.720  -3.113  1.00 0.00 ? 3  GLN A HA   1 
ATOM 38  H HB2  . GLN A 1 3  ? 1.851   14.855  -0.702  1.00 0.00 ? 3  GLN A HB2  1 
ATOM 39  H HB3  . GLN A 1 3  ? 0.785   14.865  -2.088  1.00 0.00 ? 3  GLN A HB3  1 
ATOM 40  H HG2  . GLN A 1 3  ? 2.558   14.094  -3.632  1.00 0.00 ? 3  GLN A HG2  1 
ATOM 41  H HG3  . GLN A 1 3  ? 3.789   14.287  -2.404  1.00 0.00 ? 3  GLN A HG3  1 
ATOM 42  H HE21 . GLN A 1 3  ? 0.756   12.392  -2.943  1.00 0.00 ? 3  GLN A HE21 1 
ATOM 43  H HE22 . GLN A 1 3  ? 1.477   10.961  -2.047  1.00 0.00 ? 3  GLN A HE22 1 
ATOM 44  N N    . SER A 1 4  ? 0.117   17.873  -2.365  1.00 0.00 ? 4  SER A N    1 
ATOM 45  C CA   . SER A 1 4  ? -1.121  18.624  -1.996  1.00 0.00 ? 4  SER A CA   1 
ATOM 46  C C    . SER A 1 4  ? -2.361  18.125  -2.796  1.00 0.00 ? 4  SER A C    1 
ATOM 47  O O    . SER A 1 4  ? -3.294  17.582  -2.202  1.00 0.00 ? 4  SER A O    1 
ATOM 48  C CB   . SER A 1 4  ? -0.850  20.146  -2.094  1.00 0.00 ? 4  SER A CB   1 
ATOM 49  O OG   . SER A 1 4  ? -1.995  20.906  -1.707  1.00 0.00 ? 4  SER A OG   1 
ATOM 50  H H    . SER A 1 4  ? 0.303   17.530  -3.311  1.00 0.00 ? 4  SER A H    1 
ATOM 51  H HA   . SER A 1 4  ? -1.379  18.401  -0.943  1.00 0.00 ? 4  SER A HA   1 
ATOM 52  H HB2  . SER A 1 4  ? 0.011   20.426  -1.456  1.00 0.00 ? 4  SER A HB2  1 
ATOM 53  H HB3  . SER A 1 4  ? -0.557  20.431  -3.123  1.00 0.00 ? 4  SER A HB3  1 
ATOM 54  H HG   . SER A 1 4  ? -2.132  20.771  -0.764  1.00 0.00 ? 4  SER A HG   1 
ATOM 55  N N    . ASN A 1 5  ? -2.368  18.239  -4.135  1.00 0.00 ? 5  ASN A N    1 
ATOM 56  C CA   . ASN A 1 5  ? -3.415  17.593  -5.003  1.00 0.00 ? 5  ASN A CA   1 
ATOM 57  C C    . ASN A 1 5  ? -3.287  16.054  -5.163  1.00 0.00 ? 5  ASN A C    1 
ATOM 58  O O    . ASN A 1 5  ? -4.288  15.338  -5.212  1.00 0.00 ? 5  ASN A O    1 
ATOM 59  C CB   . ASN A 1 5  ? -3.521  18.128  -6.449  1.00 0.00 ? 5  ASN A CB   1 
ATOM 60  C CG   . ASN A 1 5  ? -3.250  19.610  -6.655  1.00 0.00 ? 5  ASN A CG   1 
ATOM 61  O OD1  . ASN A 1 5  ? -4.087  20.484  -6.480  1.00 0.00 ? 5  ASN A OD1  1 
ATOM 62  N ND2  . ASN A 1 5  ? -1.984  19.888  -6.830  1.00 0.00 ? 5  ASN A ND2  1 
ATOM 63  H H    . ASN A 1 5  ? -1.631  18.848  -4.502  1.00 0.00 ? 5  ASN A H    1 
ATOM 64  H HA   . ASN A 1 5  ? -4.385  17.794  -4.530  1.00 0.00 ? 5  ASN A HA   1 
ATOM 65  H HB2  . ASN A 1 5  ? -2.862  17.527  -7.112  1.00 0.00 ? 5  ASN A HB2  1 
ATOM 66  H HB3  . ASN A 1 5  ? -4.544  17.881  -6.782  1.00 0.00 ? 5  ASN A HB3  1 
ATOM 67  H HD21 . ASN A 1 5  ? -1.487  19.039  -7.109  1.00 0.00 ? 5  ASN A HD21 1 
ATOM 68  H HD22 . ASN A 1 5  ? -1.687  20.428  -6.020  1.00 0.00 ? 5  ASN A HD22 1 
ATOM 69  N N    . LYS A 1 6  ? -2.034  15.578  -5.244  1.00 0.00 ? 6  LYS A N    1 
ATOM 70  C CA   . LYS A 1 6  ? -1.710  14.121  -5.137  1.00 0.00 ? 6  LYS A CA   1 
ATOM 71  C C    . LYS A 1 6  ? -1.915  13.491  -3.702  1.00 0.00 ? 6  LYS A C    1 
ATOM 72  O O    . LYS A 1 6  ? -1.289  12.489  -3.346  1.00 0.00 ? 6  LYS A O    1 
ATOM 73  C CB   . LYS A 1 6  ? -0.271  13.963  -5.720  1.00 0.00 ? 6  LYS A CB   1 
ATOM 74  C CG   . LYS A 1 6  ? 0.179   12.537  -6.129  1.00 0.00 ? 6  LYS A CG   1 
ATOM 75  C CD   . LYS A 1 6  ? -0.504  11.994  -7.403  1.00 0.00 ? 6  LYS A CD   1 
ATOM 76  C CE   . LYS A 1 6  ? -0.127  10.544  -7.762  1.00 0.00 ? 6  LYS A CE   1 
ATOM 77  N NZ   . LYS A 1 6  ? 1.249   10.439  -8.288  1.00 0.00 ? 6  LYS A NZ   1 
ATOM 78  H H    . LYS A 1 6  ? -1.409  16.359  -4.998  1.00 0.00 ? 6  LYS A H    1 
ATOM 79  H HA   . LYS A 1 6  ? -2.403  13.571  -5.802  1.00 0.00 ? 6  LYS A HA   1 
ATOM 80  H HB2  . LYS A 1 6  ? -0.139  14.607  -6.613  1.00 0.00 ? 6  LYS A HB2  1 
ATOM 81  H HB3  . LYS A 1 6  ? 0.454   14.363  -4.986  1.00 0.00 ? 6  LYS A HB3  1 
ATOM 82  H HG2  . LYS A 1 6  ? 1.273   12.553  -6.291  1.00 0.00 ? 6  LYS A HG2  1 
ATOM 83  H HG3  . LYS A 1 6  ? 0.033   11.826  -5.295  1.00 0.00 ? 6  LYS A HG3  1 
ATOM 84  H HD2  . LYS A 1 6  ? -1.600  12.030  -7.273  1.00 0.00 ? 6  LYS A HD2  1 
ATOM 85  H HD3  . LYS A 1 6  ? -0.305  12.665  -8.264  1.00 0.00 ? 6  LYS A HD3  1 
ATOM 86  H HE2  . LYS A 1 6  ? -0.252  9.881   -6.884  1.00 0.00 ? 6  LYS A HE2  1 
ATOM 87  H HE3  . LYS A 1 6  ? -0.831  10.155  -8.523  1.00 0.00 ? 6  LYS A HE3  1 
ATOM 88  H HZ1  . LYS A 1 6  ? 1.921   10.845  -7.627  1.00 0.00 ? 6  LYS A HZ1  1 
ATOM 89  H HZ2  . LYS A 1 6  ? 1.352   10.999  -9.144  1.00 0.00 ? 6  LYS A HZ2  1 
ATOM 90  N N    . LYS A 1 7  ? -2.833  14.061  -2.901  1.00 0.00 ? 7  LYS A N    1 
ATOM 91  C CA   . LYS A 1 7  ? -3.227  13.550  -1.571  1.00 0.00 ? 7  LYS A CA   1 
ATOM 92  C C    . LYS A 1 7  ? -4.562  12.739  -1.604  1.00 0.00 ? 7  LYS A C    1 
ATOM 93  O O    . LYS A 1 7  ? -5.546  13.135  -2.230  1.00 0.00 ? 7  LYS A O    1 
ATOM 94  C CB   . LYS A 1 7  ? -3.304  14.719  -0.552  1.00 0.00 ? 7  LYS A CB   1 
ATOM 95  C CG   . LYS A 1 7  ? -1.972  15.440  -0.235  1.00 0.00 ? 7  LYS A CG   1 
ATOM 96  C CD   . LYS A 1 7  ? -1.070  14.829  0.848   1.00 0.00 ? 7  LYS A CD   1 
ATOM 97  C CE   . LYS A 1 7  ? -0.492  13.431  0.567   1.00 0.00 ? 7  LYS A CE   1 
ATOM 98  N NZ   . LYS A 1 7  ? 0.595   13.128  1.517   1.00 0.00 ? 7  LYS A NZ   1 
ATOM 99  H H    . LYS A 1 7  ? -3.092  14.996  -3.239  1.00 0.00 ? 7  LYS A H    1 
ATOM 100 H HA   . LYS A 1 7  ? -2.419  12.886  -1.264  1.00 0.00 ? 7  LYS A HA   1 
ATOM 101 H HB2  . LYS A 1 7  ? -4.027  15.470  -0.929  1.00 0.00 ? 7  LYS A HB2  1 
ATOM 102 H HB3  . LYS A 1 7  ? -3.746  14.375  0.403   1.00 0.00 ? 7  LYS A HB3  1 
ATOM 103 H HG2  . LYS A 1 7  ? -1.390  15.601  -1.163  1.00 0.00 ? 7  LYS A HG2  1 
ATOM 104 H HG3  . LYS A 1 7  ? -2.226  16.463  0.101   1.00 0.00 ? 7  LYS A HG3  1 
ATOM 105 H HD2  . LYS A 1 7  ? -0.238  15.545  0.988   1.00 0.00 ? 7  LYS A HD2  1 
ATOM 106 H HD3  . LYS A 1 7  ? -1.628  14.817  1.802   1.00 0.00 ? 7  LYS A HD3  1 
ATOM 107 H HE2  . LYS A 1 7  ? -1.286  12.670  0.651   1.00 0.00 ? 7  LYS A HE2  1 
ATOM 108 H HE3  . LYS A 1 7  ? -0.111  13.366  -0.469  1.00 0.00 ? 7  LYS A HE3  1 
ATOM 109 H HZ1  . LYS A 1 7  ? 0.990   12.191  1.366   1.00 0.00 ? 7  LYS A HZ1  1 
ATOM 110 H HZ2  . LYS A 1 7  ? 0.259   13.146  2.487   1.00 0.00 ? 7  LYS A HZ2  1 
ATOM 111 N N    . ASP A 1 8  ? -4.578  11.601  -0.889  1.00 0.00 ? 8  ASP A N    1 
ATOM 112 C CA   . ASP A 1 8  ? -5.773  10.722  -0.720  1.00 0.00 ? 8  ASP A CA   1 
ATOM 113 C C    . ASP A 1 8  ? -6.478  10.140  -1.995  1.00 0.00 ? 8  ASP A C    1 
ATOM 114 O O    . ASP A 1 8  ? -7.381  10.732  -2.586  1.00 0.00 ? 8  ASP A O    1 
ATOM 115 C CB   . ASP A 1 8  ? -6.720  11.200  0.387   1.00 0.00 ? 8  ASP A CB   1 
ATOM 116 C CG   . ASP A 1 8  ? -7.540  12.487  0.218   1.00 0.00 ? 8  ASP A CG   1 
ATOM 117 O OD1  . ASP A 1 8  ? -7.634  13.327  1.107   1.00 0.00 ? 8  ASP A OD1  1 
ATOM 118 O OD2  . ASP A 1 8  ? -8.170  12.575  -0.993  1.00 0.00 ? 8  ASP A OD2  1 
ATOM 119 H H    . ASP A 1 8  ? -3.834  11.602  -0.181  1.00 0.00 ? 8  ASP A H    1 
ATOM 120 H HA   . ASP A 1 8  ? -5.326  9.845   -0.208  1.00 0.00 ? 8  ASP A HA   1 
ATOM 121 H HB2  . ASP A 1 8  ? -7.404  10.362  0.593   1.00 0.00 ? 8  ASP A HB2  1 
ATOM 122 H HB3  . ASP A 1 8  ? -6.094  11.305  1.291   1.00 0.00 ? 8  ASP A HB3  1 
ATOM 123 H HD2  . ASP A 1 8  ? -7.878  11.885  -1.613  1.00 0.00 ? 8  ASP A HD2  1 
ATOM 124 N N    . LEU A 1 9  ? -5.984  8.955   -2.361  1.00 0.00 ? 9  LEU A N    1 
ATOM 125 C CA   . LEU A 1 9  ? -5.729  8.444   -3.743  1.00 0.00 ? 9  LEU A CA   1 
ATOM 126 C C    . LEU A 1 9  ? -4.337  7.684   -3.678  1.00 0.00 ? 9  LEU A C    1 
ATOM 127 O O    . LEU A 1 9  ? -4.234  6.511   -4.020  1.00 0.00 ? 9  LEU A O    1 
ATOM 128 C CB   . LEU A 1 9  ? -5.820  9.476   -4.909  1.00 0.00 ? 9  LEU A CB   1 
ATOM 129 C CG   . LEU A 1 9  ? -4.811  10.646  -4.775  1.00 0.00 ? 9  LEU A CG   1 
ATOM 130 C CD1  . LEU A 1 9  ? -3.541  10.395  -5.594  1.00 0.00 ? 9  LEU A CD1  1 
ATOM 131 C CD2  . LEU A 1 9  ? -5.424  11.995  -5.181  1.00 0.00 ? 9  LEU A CD2  1 
ATOM 132 H H    . LEU A 1 9  ? -5.219  8.761   -1.726  1.00 0.00 ? 9  LEU A H    1 
ATOM 133 H HA   . LEU A 1 9  ? -6.495  7.675   -3.933  1.00 0.00 ? 9  LEU A HA   1 
ATOM 134 H HB2  . LEU A 1 9  ? -5.712  8.965   -5.886  1.00 0.00 ? 9  LEU A HB2  1 
ATOM 135 H HB3  . LEU A 1 9  ? -6.857  9.861   -4.931  1.00 0.00 ? 9  LEU A HB3  1 
ATOM 136 H HG   . LEU A 1 9  ? -4.515  10.669  -3.693  1.00 0.00 ? 9  LEU A HG   1 
ATOM 137 H HD11 . LEU A 1 9  ? -3.186  9.353   -5.515  1.00 0.00 ? 9  LEU A HD11 1 
ATOM 138 H HD12 . LEU A 1 9  ? -3.696  10.578  -6.667  1.00 0.00 ? 9  LEU A HD12 1 
ATOM 139 H HD13 . LEU A 1 9  ? -2.720  11.030  -5.221  1.00 0.00 ? 9  LEU A HD13 1 
ATOM 140 H HD21 . LEU A 1 9  ? -6.327  12.228  -4.585  1.00 0.00 ? 9  LEU A HD21 1 
ATOM 141 H HD22 . LEU A 1 9  ? -4.721  12.829  -5.008  1.00 0.00 ? 9  LEU A HD22 1 
ATOM 142 H HD23 . LEU A 1 9  ? -5.720  12.023  -6.245  1.00 0.00 ? 9  LEU A HD23 1 
ATOM 143 N N    . CYS A 1 10 ? -3.295  8.388   -3.176  1.00 0.00 ? 10 CYS A N    1 
ATOM 144 C CA   . CYS A 1 10 ? -1.900  7.965   -2.982  1.00 0.00 ? 10 CYS A CA   1 
ATOM 145 C C    . CYS A 1 10 ? -1.659  7.454   -1.547  1.00 0.00 ? 10 CYS A C    1 
ATOM 146 O O    . CYS A 1 10 ? -1.229  6.322   -1.347  1.00 0.00 ? 10 CYS A O    1 
ATOM 147 C CB   . CYS A 1 10 ? -1.002  9.196   -3.236  1.00 0.00 ? 10 CYS A CB   1 
ATOM 148 S SG   . CYS A 1 10 ? 0.742   8.742   -3.105  1.00 0.00 ? 10 CYS A SG   1 
ATOM 149 H H    . CYS A 1 10 ? -3.565  9.321   -2.904  1.00 0.00 ? 10 CYS A H    1 
ATOM 150 H HA   . CYS A 1 10 ? -1.692  7.187   -3.711  1.00 0.00 ? 10 CYS A HA   1 
ATOM 151 H HB2  . CYS A 1 10 ? -1.205  9.630   -4.215  1.00 0.00 ? 10 CYS A HB2  1 
ATOM 152 H HB3  . CYS A 1 10 ? -1.204  10.026  -2.527  1.00 0.00 ? 10 CYS A HB3  1 
ATOM 153 N N    . GLU A 1 11 ? -2.057  8.265   -0.554  1.00 0.00 ? 11 GLU A N    1 
ATOM 154 C CA   . GLU A 1 11 ? -2.510  7.745   0.762   1.00 0.00 ? 11 GLU A CA   1 
ATOM 155 C C    . GLU A 1 11 ? -3.582  6.632   0.704   1.00 0.00 ? 11 GLU A C    1 
ATOM 156 O O    . GLU A 1 11 ? -3.456  5.677   1.457   1.00 0.00 ? 11 GLU A O    1 
ATOM 157 C CB   . GLU A 1 11 ? -3.070  8.788   1.730   1.00 0.00 ? 11 GLU A CB   1 
ATOM 158 C CG   . GLU A 1 11 ? -2.353  10.149  1.767   1.00 0.00 ? 11 GLU A CG   1 
ATOM 159 C CD   . GLU A 1 11 ? -2.997  11.191  2.669   1.00 0.00 ? 11 GLU A CD   1 
ATOM 160 O OE1  . GLU A 1 11 ? -3.720  12.088  2.246   1.00 0.00 ? 11 GLU A OE1  1 
ATOM 161 O OE2  . GLU A 1 11 ? -2.670  11.028  3.979   1.00 0.00 ? 11 GLU A OE2  1 
ATOM 162 H H    . GLU A 1 11 ? -2.340  9.173   -0.949  1.00 0.00 ? 11 GLU A H    1 
ATOM 163 H HA   . GLU A 1 11 ? -1.636  7.351   1.289   1.00 0.00 ? 11 GLU A HA   1 
ATOM 164 H HB2  . GLU A 1 11 ? -4.141  8.914   1.501   1.00 0.00 ? 11 GLU A HB2  1 
ATOM 165 H HB3  . GLU A 1 11 ? -3.024  8.271   2.715   1.00 0.00 ? 11 GLU A HB3  1 
ATOM 166 H HG2  . GLU A 1 11 ? -1.297  9.996   2.040   1.00 0.00 ? 11 GLU A HG2  1 
ATOM 167 H HG3  . GLU A 1 11 ? -2.341  10.559  0.741   1.00 0.00 ? 11 GLU A HG3  1 
ATOM 168 H HE2  . GLU A 1 11 ? -3.105  11.709  4.495   1.00 0.00 ? 11 GLU A HE2  1 
ATOM 169 N N    . HIS A 1 12 ? -4.617  6.759   -0.151  1.00 0.00 ? 12 HIS A N    1 
ATOM 170 C CA   . HIS A 1 12 ? -5.623  5.679   -0.324  1.00 0.00 ? 12 HIS A CA   1 
ATOM 171 C C    . HIS A 1 12 ? -5.050  4.311   -0.773  1.00 0.00 ? 12 HIS A C    1 
ATOM 172 O O    . HIS A 1 12 ? -5.381  3.282   -0.202  1.00 0.00 ? 12 HIS A O    1 
ATOM 173 C CB   . HIS A 1 12 ? -6.812  6.122   -1.189  1.00 0.00 ? 12 HIS A CB   1 
ATOM 174 C CG   . HIS A 1 12 ? -8.045  5.218   -1.137  1.00 0.00 ? 12 HIS A CG   1 
ATOM 175 N ND1  . HIS A 1 12 ? -8.359  4.303   -2.132  1.00 0.00 ? 12 HIS A ND1  1 
ATOM 176 C CD2  . HIS A 1 12 ? -8.951  5.126   -0.067  1.00 0.00 ? 12 HIS A CD2  1 
ATOM 177 C CE1  . HIS A 1 12 ? -9.457  3.720   -1.551  1.00 0.00 ? 12 HIS A CE1  1 
ATOM 178 N NE2  . HIS A 1 12 ? -9.891  4.145   -0.323  1.00 0.00 ? 12 HIS A NE2  1 
ATOM 179 H H    . HIS A 1 12 ? -4.385  7.410   -0.906  1.00 0.00 ? 12 HIS A H    1 
ATOM 180 H HA   . HIS A 1 12 ? -6.001  5.539   0.675   1.00 0.00 ? 12 HIS A HA   1 
ATOM 181 H HB2  . HIS A 1 12 ? -7.123  7.140   -0.898  1.00 0.00 ? 12 HIS A HB2  1 
ATOM 182 H HB3  . HIS A 1 12 ? -6.438  6.186   -2.227  1.00 0.00 ? 12 HIS A HB3  1 
ATOM 183 H HD2  . HIS A 1 12 ? -8.902  5.714   0.839   1.00 0.00 ? 12 HIS A HD2  1 
ATOM 184 H HE1  . HIS A 1 12 ? -9.972  2.921   -2.068  1.00 0.00 ? 12 HIS A HE1  1 
ATOM 185 H HE2  . HIS A 1 12 ? -10.672 3.805   0.251   1.00 0.00 ? 12 HIS A HE2  1 
ATOM 186 N N    . TYR A 1 13 ? -4.127  4.353   -1.720  1.00 0.00 ? 13 TYR A N    1 
ATOM 187 C CA   . TYR A 1 13 ? -3.131  3.329   -1.987  1.00 0.00 ? 13 TYR A CA   1 
ATOM 188 C C    . TYR A 1 13 ? -2.382  2.679   -0.785  1.00 0.00 ? 13 TYR A C    1 
ATOM 189 O O    . TYR A 1 13 ? -2.283  1.449   -0.738  1.00 0.00 ? 13 TYR A O    1 
ATOM 190 C CB   . TYR A 1 13 ? -2.224  4.048   -3.039  1.00 0.00 ? 13 TYR A CB   1 
ATOM 191 C CG   . TYR A 1 13 ? -2.277  3.570   -4.503  1.00 0.00 ? 13 TYR A CG   1 
ATOM 192 C CD1  . TYR A 1 13 ? -2.334  2.208   -4.809  1.00 0.00 ? 13 TYR A CD1  1 
ATOM 193 C CD2  . TYR A 1 13 ? -2.309  4.507   -5.545  1.00 0.00 ? 13 TYR A CD2  1 
ATOM 194 C CE1  . TYR A 1 13 ? -2.443  1.784   -6.130  1.00 0.00 ? 13 TYR A CE1  1 
ATOM 195 C CE2  . TYR A 1 13 ? -2.424  4.082   -6.867  1.00 0.00 ? 13 TYR A CE2  1 
ATOM 196 C CZ   . TYR A 1 13 ? -2.489  2.721   -7.158  1.00 0.00 ? 13 TYR A CZ   1 
ATOM 197 O OH   . TYR A 1 13 ? -2.623  2.292   -8.451  1.00 0.00 ? 13 TYR A OH   1 
ATOM 198 H H    . TYR A 1 13 ? -3.806  5.282   -1.953  1.00 0.00 ? 13 TYR A H    1 
ATOM 199 H HA   . TYR A 1 13 ? -3.697  2.517   -2.420  1.00 0.00 ? 13 TYR A HA   1 
ATOM 200 H HB2  . TYR A 1 13 ? -2.390  5.138   -3.088  1.00 0.00 ? 13 TYR A HB2  1 
ATOM 201 H HB3  . TYR A 1 13 ? -1.212  4.100   -2.620  1.00 0.00 ? 13 TYR A HB3  1 
ATOM 202 H HD1  . TYR A 1 13 ? -2.327  1.492   -4.000  1.00 0.00 ? 13 TYR A HD1  1 
ATOM 203 H HD2  . TYR A 1 13 ? -2.291  5.572   -5.333  1.00 0.00 ? 13 TYR A HD2  1 
ATOM 204 H HE1  . TYR A 1 13 ? -2.514  0.731   -6.359  1.00 0.00 ? 13 TYR A HE1  1 
ATOM 205 H HE2  . TYR A 1 13 ? -2.476  4.815   -7.659  1.00 0.00 ? 13 TYR A HE2  1 
ATOM 206 H HH   . TYR A 1 13 ? -2.835  3.038   -9.012  1.00 0.00 ? 13 TYR A HH   1 
ATOM 207 N N    . ARG A 1 14 ? -1.902  3.467   0.199   1.00 0.00 ? 14 ARG A N    1 
ATOM 208 C CA   . ARG A 1 14 ? -1.479  2.895   1.524   1.00 0.00 ? 14 ARG A CA   1 
ATOM 209 C C    . ARG A 1 14 ? -2.622  2.514   2.498   1.00 0.00 ? 14 ARG A C    1 
ATOM 210 O O    . ARG A 1 14 ? -2.461  1.633   3.343   1.00 0.00 ? 14 ARG A O    1 
ATOM 211 C CB   . ARG A 1 14 ? -0.343  3.529   2.354   1.00 0.00 ? 14 ARG A CB   1 
ATOM 212 C CG   . ARG A 1 14 ? -0.187  5.036   2.316   1.00 0.00 ? 14 ARG A CG   1 
ATOM 213 C CD   . ARG A 1 14 ? 0.451   5.425   0.984   1.00 0.00 ? 14 ARG A CD   1 
ATOM 214 N NE   . ARG A 1 14 ? 1.924   5.411   1.066   1.00 0.00 ? 14 ARG A NE   1 
ATOM 215 C CZ   . ARG A 1 14 ? 2.745   6.183   0.359   1.00 0.00 ? 14 ARG A CZ   1 
ATOM 216 N NH1  . ARG A 1 14 ? 2.354   7.095   -0.495  1.00 0.00 ? 14 ARG A NH1  1 
ATOM 217 N NH2  . ARG A 1 14 ? 4.016   6.011   0.530   1.00 0.00 ? 14 ARG A NH2  1 
ATOM 218 H H    . ARG A 1 14 ? -2.170  4.455   0.081   1.00 0.00 ? 14 ARG A H    1 
ATOM 219 H HA   . ARG A 1 14 ? -0.987  1.979   1.219   1.00 0.00 ? 14 ARG A HA   1 
ATOM 220 H HB2  . ARG A 1 14 ? -0.428  3.238   3.420   1.00 0.00 ? 14 ARG A HB2  1 
ATOM 221 H HB3  . ARG A 1 14 ? 0.607   3.082   2.025   1.00 0.00 ? 14 ARG A HB3  1 
ATOM 222 H HG2  . ARG A 1 14 ? -1.177  5.503   2.461   1.00 0.00 ? 14 ARG A HG2  1 
ATOM 223 H HG3  . ARG A 1 14 ? 0.426   5.389   3.169   1.00 0.00 ? 14 ARG A HG3  1 
ATOM 224 H HD2  . ARG A 1 14 ? 0.190   4.759   0.145   1.00 0.00 ? 14 ARG A HD2  1 
ATOM 225 H HD3  . ARG A 1 14 ? -0.030  6.355   0.706   1.00 0.00 ? 14 ARG A HD3  1 
ATOM 226 H HH11 . ARG A 1 14 ? 1.338   7.151   -0.593  1.00 0.00 ? 14 ARG A HH11 1 
ATOM 227 H HH12 . ARG A 1 14 ? 3.082   7.622   -0.978  1.00 0.00 ? 14 ARG A HH12 1 
ATOM 228 H HH21 . ARG A 1 14 ? 4.215   5.247   1.177   1.00 0.00 ? 14 ARG A HH21 1 
ATOM 229 H HH22 . ARG A 1 14 ? 4.656   6.576   -0.027  1.00 0.00 ? 14 ARG A HH22 1 
ATOM 230 N N    . GLN A 1 15 ? -3.784  3.146   2.369   1.00 0.00 ? 15 GLN A N    1 
ATOM 231 C CA   . GLN A 1 15 ? -5.052  2.540   2.894   1.00 0.00 ? 15 GLN A CA   1 
ATOM 232 C C    . GLN A 1 15 ? -5.366  1.095   2.444   1.00 0.00 ? 15 GLN A C    1 
ATOM 233 O O    . GLN A 1 15 ? -5.737  0.236   3.241   1.00 0.00 ? 15 GLN A O    1 
ATOM 234 C CB   . GLN A 1 15 ? -6.344  3.387   2.790   1.00 0.00 ? 15 GLN A CB   1 
ATOM 235 C CG   . GLN A 1 15 ? -6.242  4.823   3.313   1.00 0.00 ? 15 GLN A CG   1 
ATOM 236 C CD   . GLN A 1 15 ? -6.141  4.955   4.835   1.00 0.00 ? 15 GLN A CD   1 
ATOM 237 O OE1  . GLN A 1 15 ? -7.132  5.049   5.553   1.00 0.00 ? 15 GLN A OE1  1 
ATOM 238 N NE2  . GLN A 1 15 ? -4.947  4.908   5.373   1.00 0.00 ? 15 GLN A NE2  1 
ATOM 239 H H    . GLN A 1 15 ? -3.629  3.957   1.717   1.00 0.00 ? 15 GLN A H    1 
ATOM 240 H HA   . GLN A 1 15 ? -4.820  2.409   3.943   1.00 0.00 ? 15 GLN A HA   1 
ATOM 241 H HB2  . GLN A 1 15 ? -6.696  3.416   1.745   1.00 0.00 ? 15 GLN A HB2  1 
ATOM 242 H HB3  . GLN A 1 15 ? -7.169  2.874   3.323   1.00 0.00 ? 15 GLN A HB3  1 
ATOM 243 H HG2  . GLN A 1 15 ? -5.387  5.306   2.817   1.00 0.00 ? 15 GLN A HG2  1 
ATOM 244 H HG3  . GLN A 1 15 ? -7.136  5.350   2.950   1.00 0.00 ? 15 GLN A HG3  1 
ATOM 245 H HE21 . GLN A 1 15 ? -4.185  4.694   4.721   1.00 0.00 ? 15 GLN A HE21 1 
ATOM 246 H HE22 . GLN A 1 15 ? -4.970  4.721   6.377   1.00 0.00 ? 15 GLN A HE22 1 
ATOM 247 N N    . ILE A 1 16 ? -5.108  0.790   1.182   1.00 0.00 ? 16 ILE A N    1 
ATOM 248 C CA   . ILE A 1 16 ? -5.042  -0.594  0.696   1.00 0.00 ? 16 ILE A CA   1 
ATOM 249 C C    . ILE A 1 16 ? -3.905  -1.462  1.331   1.00 0.00 ? 16 ILE A C    1 
ATOM 250 O O    . ILE A 1 16 ? -4.161  -2.602  1.726   1.00 0.00 ? 16 ILE A O    1 
ATOM 251 C CB   . ILE A 1 16 ? -4.964  -0.640  -0.851  1.00 0.00 ? 16 ILE A CB   1 
ATOM 252 C CG1  . ILE A 1 16 ? -5.819  0.397   -1.619  1.00 0.00 ? 16 ILE A CG1  1 
ATOM 253 C CG2  . ILE A 1 16 ? -5.330  -2.081  -1.216  1.00 0.00 ? 16 ILE A CG2  1 
ATOM 254 C CD1  . ILE A 1 16 ? -5.725  0.364   -3.140  1.00 0.00 ? 16 ILE A CD1  1 
ATOM 255 H H    . ILE A 1 16 ? -4.946  1.592   0.564   1.00 0.00 ? 16 ILE A H    1 
ATOM 256 H HA   . ILE A 1 16 ? -6.000  -1.031  1.022   1.00 0.00 ? 16 ILE A HA   1 
ATOM 257 H HB   . ILE A 1 16 ? -3.918  -0.418  -1.132  1.00 0.00 ? 16 ILE A HB   1 
ATOM 258 H HG12 . ILE A 1 16 ? -6.847  0.432   -1.226  1.00 0.00 ? 16 ILE A HG12 1 
ATOM 259 H HG13 . ILE A 1 16 ? -5.421  1.381   -1.371  1.00 0.00 ? 16 ILE A HG13 1 
ATOM 260 H HG21 . ILE A 1 16 ? -6.326  -2.319  -0.796  1.00 0.00 ? 16 ILE A HG21 1 
ATOM 261 H HG22 . ILE A 1 16 ? -5.302  -2.235  -2.292  1.00 0.00 ? 16 ILE A HG22 1 
ATOM 262 H HG23 . ILE A 1 16 ? -4.607  -2.782  -0.752  1.00 0.00 ? 16 ILE A HG23 1 
ATOM 263 H HD11 . ILE A 1 16 ? -4.664  0.368   -3.455  1.00 0.00 ? 16 ILE A HD11 1 
ATOM 264 H HD12 . ILE A 1 16 ? -6.213  -0.531  -3.552  1.00 0.00 ? 16 ILE A HD12 1 
ATOM 265 H HD13 . ILE A 1 16 ? -6.204  1.263   -3.566  1.00 0.00 ? 16 ILE A HD13 1 
ATOM 266 N N    . ALA A 1 17 ? -2.694  -0.907  1.483   1.00 0.00 ? 17 ALA A N    1 
ATOM 267 C CA   . ALA A 1 17 ? -1.701  -1.433  2.442   1.00 0.00 ? 17 ALA A CA   1 
ATOM 268 C C    . ALA A 1 17 ? -2.171  -1.687  3.922   1.00 0.00 ? 17 ALA A C    1 
ATOM 269 O O    . ALA A 1 17 ? -1.441  -2.340  4.667   1.00 0.00 ? 17 ALA A O    1 
ATOM 270 C CB   . ALA A 1 17 ? -0.410  -0.600  2.364   1.00 0.00 ? 17 ALA A CB   1 
ATOM 271 H H    . ALA A 1 17 ? -2.711  0.070   1.202   1.00 0.00 ? 17 ALA A H    1 
ATOM 272 H HA   . ALA A 1 17 ? -1.437  -2.399  2.014   1.00 0.00 ? 17 ALA A HA   1 
ATOM 273 H HB1  . ALA A 1 17 ? -0.107  -0.384  1.322   1.00 0.00 ? 17 ALA A HB1  1 
ATOM 274 H HB2  . ALA A 1 17 ? -0.495  0.362   2.892   1.00 0.00 ? 17 ALA A HB2  1 
ATOM 275 H HB3  . ALA A 1 17 ? 0.435   -1.134  2.836   1.00 0.00 ? 17 ALA A HB3  1 
ATOM 276 N N    . LYS A 1 18 ? -3.395  -1.264  4.323   1.00 0.00 ? 18 LYS A N    1 
ATOM 277 C CA   . LYS A 1 18 ? -4.032  -1.708  5.589   1.00 0.00 ? 18 LYS A CA   1 
ATOM 278 C C    . LYS A 1 18 ? -4.688  -3.117  5.522   1.00 0.00 ? 18 LYS A C    1 
ATOM 279 O O    . LYS A 1 18 ? -4.416  -4.003  6.329   1.00 0.00 ? 18 LYS A O    1 
ATOM 280 C CB   . LYS A 1 18 ? -4.897  -0.569  6.209   1.00 0.00 ? 18 LYS A CB   1 
ATOM 281 C CG   . LYS A 1 18 ? -6.378  -0.866  6.592   1.00 0.00 ? 18 LYS A CG   1 
ATOM 282 C CD   . LYS A 1 18 ? -7.443  0.019   5.921   1.00 0.00 ? 18 LYS A CD   1 
ATOM 283 C CE   . LYS A 1 18 ? -7.346  1.508   6.288   1.00 0.00 ? 18 LYS A CE   1 
ATOM 284 N NZ   . LYS A 1 18 ? -8.484  2.259   5.729   1.00 0.00 ? 18 LYS A NZ   1 
ATOM 285 H H    . LYS A 1 18 ? -3.980  -0.906  3.539   1.00 0.00 ? 18 LYS A H    1 
ATOM 286 H HA   . LYS A 1 18 ? -3.204  -1.836  6.266   1.00 0.00 ? 18 LYS A HA   1 
ATOM 287 H HB2  . LYS A 1 18 ? -4.380  -0.235  7.126   1.00 0.00 ? 18 LYS A HB2  1 
ATOM 288 H HB3  . LYS A 1 18 ? -4.849  0.325   5.566   1.00 0.00 ? 18 LYS A HB3  1 
ATOM 289 H HG2  . LYS A 1 18 ? -6.629  -1.912  6.325   1.00 0.00 ? 18 LYS A HG2  1 
ATOM 290 H HG3  . LYS A 1 18 ? -6.498  -0.832  7.689   1.00 0.00 ? 18 LYS A HG3  1 
ATOM 291 H HD2  . LYS A 1 18 ? -7.383  -0.108  4.825   1.00 0.00 ? 18 LYS A HD2  1 
ATOM 292 H HD3  . LYS A 1 18 ? -8.433  -0.383  6.189   1.00 0.00 ? 18 LYS A HD3  1 
ATOM 293 H HE2  . LYS A 1 18 ? -7.306  1.630   7.387   1.00 0.00 ? 18 LYS A HE2  1 
ATOM 294 H HE3  . LYS A 1 18 ? -6.401  1.927   5.895   1.00 0.00 ? 18 LYS A HE3  1 
ATOM 295 H HZ1  . LYS A 1 18 ? -8.342  3.275   5.844   1.00 0.00 ? 18 LYS A HZ1  1 
ATOM 296 H HZ2  . LYS A 1 18 ? -9.356  2.036   6.224   1.00 0.00 ? 18 LYS A HZ2  1 
ATOM 297 N N    . GLU A 1 19 ? -5.603  -3.289  4.562   1.00 0.00 ? 19 GLU A N    1 
ATOM 298 C CA   . GLU A 1 19 ? -6.226  -4.596  4.217   1.00 0.00 ? 19 GLU A CA   1 
ATOM 299 C C    . GLU A 1 19 ? -5.251  -5.704  3.684   1.00 0.00 ? 19 GLU A C    1 
ATOM 300 O O    . GLU A 1 19 ? -5.570  -6.892  3.658   1.00 0.00 ? 19 GLU A O    1 
ATOM 301 C CB   . GLU A 1 19 ? -7.415  -4.346  3.244   1.00 0.00 ? 19 GLU A CB   1 
ATOM 302 C CG   . GLU A 1 19 ? -8.578  -3.447  3.752   1.00 0.00 ? 19 GLU A CG   1 
ATOM 303 C CD   . GLU A 1 19 ? -9.326  -3.998  4.966   1.00 0.00 ? 19 GLU A CD   1 
ATOM 304 O OE1  . GLU A 1 19 ? -8.911  -3.924  6.119   1.00 0.00 ? 19 GLU A OE1  1 
ATOM 305 O OE2  . GLU A 1 19 ? -10.491 -4.608  4.619   1.00 0.00 ? 19 GLU A OE2  1 
ATOM 306 H H    . GLU A 1 19 ? -5.767  -2.428  4.061   1.00 0.00 ? 19 GLU A H    1 
ATOM 307 H HA   . GLU A 1 19 ? -6.616  -4.974  5.165   1.00 0.00 ? 19 GLU A HA   1 
ATOM 308 H HB2  . GLU A 1 19 ? -7.023  -3.920  2.301   1.00 0.00 ? 19 GLU A HB2  1 
ATOM 309 H HB3  . GLU A 1 19 ? -7.845  -5.324  2.944   1.00 0.00 ? 19 GLU A HB3  1 
ATOM 310 H HG2  . GLU A 1 19 ? -8.204  -2.438  4.008   1.00 0.00 ? 19 GLU A HG2  1 
ATOM 311 H HG3  . GLU A 1 19 ? -9.300  -3.280  2.933   1.00 0.00 ? 19 GLU A HG3  1 
ATOM 312 H HE2  . GLU A 1 19 ? -10.844 -5.059  5.392   1.00 0.00 ? 19 GLU A HE2  1 
ATOM 313 N N    . SER A 1 20 ? -4.023  -5.268  3.384   1.00 0.00 ? 20 SER A N    1 
ATOM 314 C CA   . SER A 1 20 ? -2.803  -6.118  3.358   1.00 0.00 ? 20 SER A CA   1 
ATOM 315 C C    . SER A 1 20 ? -2.308  -6.867  4.635   1.00 0.00 ? 20 SER A C    1 
ATOM 316 O O    . SER A 1 20 ? -1.474  -7.777  4.626   1.00 0.00 ? 20 SER A O    1 
ATOM 317 C CB   . SER A 1 20 ? -1.676  -5.181  2.876   1.00 0.00 ? 20 SER A CB   1 
ATOM 318 O OG   . SER A 1 20 ? -0.637  -5.876  2.190   1.00 0.00 ? 20 SER A OG   1 
ATOM 319 H H    . SER A 1 20 ? -4.010  -4.287  3.713   1.00 0.00 ? 20 SER A H    1 
ATOM 320 H HA   . SER A 1 20 ? -3.049  -6.859  2.636   1.00 0.00 ? 20 SER A HA   1 
ATOM 321 H HB2  . SER A 1 20 ? -2.080  -4.404  2.227   1.00 0.00 ? 20 SER A HB2  1 
ATOM 322 H HB3  . SER A 1 20 ? -1.267  -4.619  3.736   1.00 0.00 ? 20 SER A HB3  1 
ATOM 323 H HG   . SER A 1 20 ? -0.135  -5.216  1.707   1.00 0.00 ? 20 SER A HG   1 
ATOM 324 N N    . CYS A 1 21 ? -2.784  -6.302  5.722   1.00 0.00 ? 21 CYS A N    1 
ATOM 325 C CA   . CYS A 1 21 ? -2.176  -6.351  7.069   1.00 0.00 ? 21 CYS A CA   1 
ATOM 326 C C    . CYS A 1 21 ? -3.087  -6.922  8.194   1.00 0.00 ? 21 CYS A C    1 
ATOM 327 O O    . CYS A 1 21 ? -2.624  -7.650  9.074   1.00 0.00 ? 21 CYS A O    1 
ATOM 328 C CB   . CYS A 1 21 ? -1.619  -4.945  7.380   1.00 0.00 ? 21 CYS A CB   1 
ATOM 329 S SG   . CYS A 1 21 ? -0.212  -5.019  8.505   1.00 0.00 ? 21 CYS A SG   1 
ATOM 330 H H    . CYS A 1 21 ? -3.293  -5.509  5.315   1.00 0.00 ? 21 CYS A H    1 
ATOM 331 H HA   . CYS A 1 21 ? -1.342  -7.025  6.980   1.00 0.00 ? 21 CYS A HA   1 
ATOM 332 H HB2  . CYS A 1 21 ? -1.249  -4.459  6.456   1.00 0.00 ? 21 CYS A HB2  1 
ATOM 333 H HB3  . CYS A 1 21 ? -2.389  -4.272  7.785   1.00 0.00 ? 21 CYS A HB3  1 
ATOM 334 N N    . LYS A 1 22 ? -4.385  -6.600  8.139   1.00 0.00 ? 22 LYS A N    1 
ATOM 335 C CA   . LYS A 1 22 ? -5.450  -7.232  8.942   1.00 0.00 ? 22 LYS A CA   1 
ATOM 336 C C    . LYS A 1 22 ? -5.664  -8.765  8.684   1.00 0.00 ? 22 LYS A C    1 
ATOM 337 O O    . LYS A 1 22 ? -5.810  -9.527  9.641   1.00 0.00 ? 22 LYS A O    1 
ATOM 338 C CB   . LYS A 1 22 ? -6.781  -6.442  8.743   1.00 0.00 ? 22 LYS A CB   1 
ATOM 339 C CG   . LYS A 1 22 ? -6.812  -4.932  9.107   1.00 0.00 ? 22 LYS A CG   1 
ATOM 340 C CD   . LYS A 1 22 ? -6.504  -4.568  10.575  1.00 0.00 ? 22 LYS A CD   1 
ATOM 341 C CE   . LYS A 1 22 ? -7.561  -5.058  11.583  1.00 0.00 ? 22 LYS A CE   1 
ATOM 342 N NZ   . LYS A 1 22 ? -7.208  -4.619  12.946  1.00 0.00 ? 22 LYS A NZ   1 
ATOM 343 H H    . LYS A 1 22 ? -4.590  -6.003  7.345   1.00 0.00 ? 22 LYS A H    1 
ATOM 344 H HA   . LYS A 1 22 ? -5.136  -7.107  9.982   1.00 0.00 ? 22 LYS A HA   1 
ATOM 345 H HB2  . LYS A 1 22 ? -7.106  -6.542  7.690   1.00 0.00 ? 22 LYS A HB2  1 
ATOM 346 H HB3  . LYS A 1 22 ? -7.584  -6.944  9.317   1.00 0.00 ? 22 LYS A HB3  1 
ATOM 347 H HG2  . LYS A 1 22 ? -6.102  -4.391  8.453   1.00 0.00 ? 22 LYS A HG2  1 
ATOM 348 H HG3  . LYS A 1 22 ? -7.801  -4.517  8.829   1.00 0.00 ? 22 LYS A HG3  1 
ATOM 349 H HD2  . LYS A 1 22 ? -5.501  -4.947  10.850  1.00 0.00 ? 22 LYS A HD2  1 
ATOM 350 H HD3  . LYS A 1 22 ? -6.420  -3.465  10.643  1.00 0.00 ? 22 LYS A HD3  1 
ATOM 351 H HE2  . LYS A 1 22 ? -8.564  -4.672  11.315  1.00 0.00 ? 22 LYS A HE2  1 
ATOM 352 H HE3  . LYS A 1 22 ? -7.643  -6.161  11.562  1.00 0.00 ? 22 LYS A HE3  1 
ATOM 353 H HZ1  . LYS A 1 22 ? -7.123  -3.595  12.986  1.00 0.00 ? 22 LYS A HZ1  1 
ATOM 354 H HZ2  . LYS A 1 22 ? -6.283  -4.977  13.212  1.00 0.00 ? 22 LYS A HZ2  1 
ATOM 355 N N    . LYS A 1 23 ? -5.724  -9.194  7.407   1.00 0.00 ? 23 LYS A N    1 
ATOM 356 C CA   . LYS A 1 23 ? -6.149  -10.567 7.018   1.00 0.00 ? 23 LYS A CA   1 
ATOM 357 C C    . LYS A 1 23 ? -5.096  -11.306 6.124   1.00 0.00 ? 23 LYS A C    1 
ATOM 358 O O    . LYS A 1 23 ? -4.773  -10.854 5.022   1.00 0.00 ? 23 LYS A O    1 
ATOM 359 C CB   . LYS A 1 23 ? -7.546  -10.433 6.351   1.00 0.00 ? 23 LYS A CB   1 
ATOM 360 C CG   . LYS A 1 23 ? -7.637  -9.557  5.067   1.00 0.00 ? 23 LYS A CG   1 
ATOM 361 C CD   . LYS A 1 23 ? -9.031  -8.971  4.812   1.00 0.00 ? 23 LYS A CD   1 
ATOM 362 C CE   . LYS A 1 23 ? -9.423  -7.807  5.740   1.00 0.00 ? 23 LYS A CE   1 
ATOM 363 N NZ   . LYS A 1 23 ? -10.826 -7.425  5.489   1.00 0.00 ? 23 LYS A NZ   1 
ATOM 364 H H    . LYS A 1 23 ? -5.724  -8.437  6.709   1.00 0.00 ? 23 LYS A H    1 
ATOM 365 H HA   . LYS A 1 23 ? -6.308  -11.181 7.928   1.00 0.00 ? 23 LYS A HA   1 
ATOM 366 H HB2  . LYS A 1 23 ? -7.943  -11.440 6.123   1.00 0.00 ? 23 LYS A HB2  1 
ATOM 367 H HB3  . LYS A 1 23 ? -8.241  -10.046 7.120   1.00 0.00 ? 23 LYS A HB3  1 
ATOM 368 H HG2  . LYS A 1 23 ? -6.904  -8.727  5.079   1.00 0.00 ? 23 LYS A HG2  1 
ATOM 369 H HG3  . LYS A 1 23 ? -7.326  -10.170 4.197   1.00 0.00 ? 23 LYS A HG3  1 
ATOM 370 H HD2  . LYS A 1 23 ? -9.041  -8.608  3.768   1.00 0.00 ? 23 LYS A HD2  1 
ATOM 371 H HD3  . LYS A 1 23 ? -9.764  -9.793  4.875   1.00 0.00 ? 23 LYS A HD3  1 
ATOM 372 H HE2  . LYS A 1 23 ? -9.301  -8.074  6.808   1.00 0.00 ? 23 LYS A HE2  1 
ATOM 373 H HE3  . LYS A 1 23 ? -8.757  -6.938  5.572   1.00 0.00 ? 23 LYS A HE3  1 
ATOM 374 H HZ1  . LYS A 1 23 ? -11.455 -8.189  5.770   1.00 0.00 ? 23 LYS A HZ1  1 
ATOM 375 H HZ2  . LYS A 1 23 ? -10.982 -7.322  4.479   1.00 0.00 ? 23 LYS A HZ2  1 
ATOM 376 N N    . GLY A 1 24 ? -4.598  -12.473 6.588   1.00 0.00 ? 24 GLY A N    1 
ATOM 377 C CA   . GLY A 1 24 ? -3.698  -13.339 5.792   1.00 0.00 ? 24 GLY A CA   1 
ATOM 378 C C    . GLY A 1 24 ? -2.223  -12.891 5.655   1.00 0.00 ? 24 GLY A C    1 
ATOM 379 O O    . GLY A 1 24 ? -1.928  -11.698 5.595   1.00 0.00 ? 24 GLY A O    1 
ATOM 380 H H    . GLY A 1 24 ? -5.049  -12.831 7.426   1.00 0.00 ? 24 GLY A H    1 
ATOM 381 H HA2  . GLY A 1 24 ? -3.737  -14.359 6.220   1.00 0.00 ? 24 GLY A HA2  1 
ATOM 382 H HA3  . GLY A 1 24 ? -4.139  -13.447 4.792   1.00 0.00 ? 24 GLY A HA3  1 
ATOM 383 N N    . PHE A 1 25 ? -1.288  -13.857 5.578   1.00 0.00 ? 25 PHE A N    1 
ATOM 384 C CA   . PHE A 1 25 ? 0.173   -13.578 5.420   1.00 0.00 ? 25 PHE A CA   1 
ATOM 385 C C    . PHE A 1 25 ? 1.036   -14.583 4.572   1.00 0.00 ? 25 PHE A C    1 
ATOM 386 O O    . PHE A 1 25 ? 2.269   -14.605 4.634   1.00 0.00 ? 25 PHE A O    1 
ATOM 387 C CB   . PHE A 1 25 ? 0.824   -13.401 6.820   1.00 0.00 ? 25 PHE A CB   1 
ATOM 388 C CG   . PHE A 1 25 ? 0.363   -12.241 7.726   1.00 0.00 ? 25 PHE A CG   1 
ATOM 389 C CD1  . PHE A 1 25 ? 0.553   -10.910 7.339   1.00 0.00 ? 25 PHE A CD1  1 
ATOM 390 C CD2  . PHE A 1 25 ? -0.274  -12.515 8.941   1.00 0.00 ? 25 PHE A CD2  1 
ATOM 391 C CE1  . PHE A 1 25 ? 0.101   -9.870  8.148   1.00 0.00 ? 25 PHE A CE1  1 
ATOM 392 C CE2  . PHE A 1 25 ? -0.720  -11.473 9.752   1.00 0.00 ? 25 PHE A CE2  1 
ATOM 393 C CZ   . PHE A 1 25 ? -0.530  -10.153 9.357   1.00 0.00 ? 25 PHE A CZ   1 
ATOM 394 H H    . PHE A 1 25 ? -1.615  -14.805 5.690   1.00 0.00 ? 25 PHE A H    1 
ATOM 395 H HA   . PHE A 1 25 ? 0.228   -12.678 4.806   1.00 0.00 ? 25 PHE A HA   1 
ATOM 396 H HB2  . PHE A 1 25 ? 0.710   -14.378 7.331   1.00 0.00 ? 25 PHE A HB2  1 
ATOM 397 H HB3  . PHE A 1 25 ? 1.913   -13.290 6.676   1.00 0.00 ? 25 PHE A HB3  1 
ATOM 398 H HD1  . PHE A 1 25 ? 1.006   -10.677 6.387   1.00 0.00 ? 25 PHE A HD1  1 
ATOM 399 H HD2  . PHE A 1 25 ? -0.439  -13.536 9.257   1.00 0.00 ? 25 PHE A HD2  1 
ATOM 400 H HE1  . PHE A 1 25 ? 0.225   -8.844  7.835   1.00 0.00 ? 25 PHE A HE1  1 
ATOM 401 H HE2  . PHE A 1 25 ? -1.220  -11.690 10.686  1.00 0.00 ? 25 PHE A HE2  1 
ATOM 402 H HZ   . PHE A 1 25 ? -0.886  -9.347  9.981   1.00 0.00 ? 25 PHE A HZ   1 
ATOM 403 N N    . LEU A 1 26 ? 0.379   -15.362 3.722   1.00 0.00 ? 26 LEU A N    1 
ATOM 404 C CA   . LEU A 1 26 ? 1.020   -16.247 2.707   1.00 0.00 ? 26 LEU A CA   1 
ATOM 405 C C    . LEU A 1 26 ? 0.560   -16.238 1.219   1.00 0.00 ? 26 LEU A C    1 
ATOM 406 O O    . LEU A 1 26 ? 1.234   -16.778 0.337   1.00 0.00 ? 26 LEU A O    1 
ATOM 407 C CB   . LEU A 1 26 ? 1.262   -17.675 3.272   1.00 0.00 ? 26 LEU A CB   1 
ATOM 408 C CG   . LEU A 1 26 ? 0.007   -18.586 3.409   1.00 0.00 ? 26 LEU A CG   1 
ATOM 409 C CD1  . LEU A 1 26 ? 0.389   -20.069 3.265   1.00 0.00 ? 26 LEU A CD1  1 
ATOM 410 C CD2  . LEU A 1 26 ? -0.728  -18.393 4.748   1.00 0.00 ? 26 LEU A CD2  1 
ATOM 411 H H    . LEU A 1 26 ? -0.602  -15.168 3.848   1.00 0.00 ? 26 LEU A H    1 
ATOM 412 H HA   . LEU A 1 26 ? 1.952   -15.732 2.529   1.00 0.00 ? 26 LEU A HA   1 
ATOM 413 H HB2  . LEU A 1 26 ? 1.996   -18.158 2.597   1.00 0.00 ? 26 LEU A HB2  1 
ATOM 414 H HB3  . LEU A 1 26 ? 1.801   -17.614 4.237   1.00 0.00 ? 26 LEU A HB3  1 
ATOM 415 H HG   . LEU A 1 26 ? -0.700  -18.335 2.589   1.00 0.00 ? 26 LEU A HG   1 
ATOM 416 H HD11 . LEU A 1 26 ? 0.864   -20.275 2.286   1.00 0.00 ? 26 LEU A HD11 1 
ATOM 417 H HD12 . LEU A 1 26 ? 1.098   -20.396 4.048   1.00 0.00 ? 26 LEU A HD12 1 
ATOM 418 H HD13 . LEU A 1 26 ? -0.496  -20.731 3.327   1.00 0.00 ? 26 LEU A HD13 1 
ATOM 419 H HD21 . LEU A 1 26 ? -0.077  -18.613 5.615   1.00 0.00 ? 26 LEU A HD21 1 
ATOM 420 H HD22 . LEU A 1 26 ? -1.097  -17.361 4.874   1.00 0.00 ? 26 LEU A HD22 1 
ATOM 421 H HD23 . LEU A 1 26 ? -1.613  -19.052 4.829   1.00 0.00 ? 26 LEU A HD23 1 
ATOM 422 N N    . GLY A 1 27 ? -0.519  -15.527 0.950   1.00 0.00 ? 27 GLY A N    1 
ATOM 423 C CA   . GLY A 1 27 ? -0.775  -14.948 -0.389  1.00 0.00 ? 27 GLY A CA   1 
ATOM 424 C C    . GLY A 1 27 ? -1.603  -13.665 -0.310  1.00 0.00 ? 27 GLY A C    1 
ATOM 425 O O    . GLY A 1 27 ? -2.736  -13.641 -0.789  1.00 0.00 ? 27 GLY A O    1 
ATOM 426 H H    . GLY A 1 27 ? -0.751  -15.059 1.829   1.00 0.00 ? 27 GLY A H    1 
ATOM 427 H HA2  . GLY A 1 27 ? 0.167   -14.722 -0.931  1.00 0.00 ? 27 GLY A HA2  1 
ATOM 428 H HA3  . GLY A 1 27 ? -1.307  -15.682 -1.025  1.00 0.00 ? 27 GLY A HA3  1 
ATOM 429 N N    . VAL A 1 28 ? -1.026  -12.580 0.242   1.00 0.00 ? 28 VAL A N    1 
ATOM 430 C CA   . VAL A 1 28 ? -1.644  -11.227 0.185   1.00 0.00 ? 28 VAL A CA   1 
ATOM 431 C C    . VAL A 1 28 ? -1.601  -10.631 -1.257  1.00 0.00 ? 28 VAL A C    1 
ATOM 432 O O    . VAL A 1 28 ? -2.577  -10.443 -1.981  1.00 0.00 ? 28 VAL A O    1 
ATOM 433 C CB   . VAL A 1 28 ? -1.085  -10.337 1.357   1.00 0.00 ? 28 VAL A CB   1 
ATOM 434 C CG1  . VAL A 1 28 ? -1.612  -8.891  1.330   1.00 0.00 ? 28 VAL A CG1  1 
ATOM 435 C CG2  . VAL A 1 28 ? -1.405  -10.885 2.764   1.00 0.00 ? 28 VAL A CG2  1 
ATOM 436 H H    . VAL A 1 28 ? -0.132  -12.687 0.743   1.00 0.00 ? 28 VAL A H    1 
ATOM 437 H HA   . VAL A 1 28 ? -2.680  -11.335 0.381   1.00 0.00 ? 28 VAL A HA   1 
ATOM 438 H HB   . VAL A 1 28 ? 0.017   -10.294 1.271   1.00 0.00 ? 28 VAL A HB   1 
ATOM 439 H HG11 . VAL A 1 28 ? -1.367  -8.357  0.394   1.00 0.00 ? 28 VAL A HG11 1 
ATOM 440 H HG12 . VAL A 1 28 ? -2.713  -8.849  1.445   1.00 0.00 ? 28 VAL A HG12 1 
ATOM 441 H HG13 . VAL A 1 28 ? -1.173  -8.295  2.147   1.00 0.00 ? 28 VAL A HG13 1 
ATOM 442 H HG21 . VAL A 1 28 ? -1.005  -11.903 2.913   1.00 0.00 ? 28 VAL A HG21 1 
ATOM 443 H HG22 . VAL A 1 28 ? -0.972  -10.262 3.569   1.00 0.00 ? 28 VAL A HG22 1 
ATOM 444 H HG23 . VAL A 1 28 ? -2.494  -10.939 2.959   1.00 0.00 ? 28 VAL A HG23 1 
ATOM 445 N N    . ARG A 1 29 ? -0.361  -10.340 -1.560  1.00 0.00 ? 29 ARG A N    1 
ATOM 446 C CA   . ARG A 1 29 ? 0.123   -9.593  -2.721  1.00 0.00 ? 29 ARG A CA   1 
ATOM 447 C C    . ARG A 1 29 ? 1.165   -10.297 -3.636  1.00 0.00 ? 29 ARG A C    1 
ATOM 448 O O    . ARG A 1 29 ? 1.698   -9.708  -4.578  1.00 0.00 ? 29 ARG A O    1 
ATOM 449 C CB   . ARG A 1 29 ? 0.476   -8.207  -2.148  1.00 0.00 ? 29 ARG A CB   1 
ATOM 450 C CG   . ARG A 1 29 ? 1.661   -8.108  -1.148  1.00 0.00 ? 29 ARG A CG   1 
ATOM 451 C CD   . ARG A 1 29 ? 2.806   -7.188  -1.586  1.00 0.00 ? 29 ARG A CD   1 
ATOM 452 N NE   . ARG A 1 29 ? 3.420   -7.736  -2.817  1.00 0.00 ? 29 ARG A NE   1 
ATOM 453 C CZ   . ARG A 1 29 ? 4.450   -7.194  -3.464  1.00 0.00 ? 29 ARG A CZ   1 
ATOM 454 N NH1  . ARG A 1 29 ? 5.087   -6.117  -3.081  1.00 0.00 ? 29 ARG A NH1  1 
ATOM 455 N NH2  . ARG A 1 29 ? 4.841   -7.781  -4.548  1.00 0.00 ? 29 ARG A NH2  1 
ATOM 456 H H    . ARG A 1 29 ? 0.041   -10.216 -0.654  1.00 0.00 ? 29 ARG A H    1 
ATOM 457 H HA   . ARG A 1 29 ? -0.674  -9.477  -3.411  1.00 0.00 ? 29 ARG A HA   1 
ATOM 458 H HB2  . ARG A 1 29 ? 0.676   -7.585  -3.013  1.00 0.00 ? 29 ARG A HB2  1 
ATOM 459 H HB3  . ARG A 1 29 ? -0.426  -7.741  -1.704  1.00 0.00 ? 29 ARG A HB3  1 
ATOM 460 H HG2  . ARG A 1 29 ? 1.257   -7.751  -0.188  1.00 0.00 ? 29 ARG A HG2  1 
ATOM 461 H HG3  . ARG A 1 29 ? 2.082   -9.109  -0.925  1.00 0.00 ? 29 ARG A HG3  1 
ATOM 462 H HD2  . ARG A 1 29 ? 2.435   -6.158  -1.759  1.00 0.00 ? 29 ARG A HD2  1 
ATOM 463 H HD3  . ARG A 1 29 ? 3.562   -7.117  -0.782  1.00 0.00 ? 29 ARG A HD3  1 
ATOM 464 H HH11 . ARG A 1 29 ? 4.733   -5.694  -2.212  1.00 0.00 ? 29 ARG A HH11 1 
ATOM 465 H HH12 . ARG A 1 29 ? 5.857   -5.802  -3.671  1.00 0.00 ? 29 ARG A HH12 1 
ATOM 466 H HH21 . ARG A 1 29 ? 4.281   -8.611  -4.762  1.00 0.00 ? 29 ARG A HH21 1 
ATOM 467 H HH22 . ARG A 1 29 ? 5.627   -7.379  -5.059  1.00 0.00 ? 29 ARG A HH22 1 
ATOM 468 N N    . ASP A 1 30 ? 1.405   -11.586 -3.367  1.00 0.00 ? 30 ASP A N    1 
ATOM 469 C CA   . ASP A 1 30 ? 2.358   -12.472 -4.109  1.00 0.00 ? 30 ASP A CA   1 
ATOM 470 C C    . ASP A 1 30 ? 3.832   -12.018 -4.375  1.00 0.00 ? 30 ASP A C    1 
ATOM 471 O O    . ASP A 1 30 ? 4.622   -12.691 -5.038  1.00 0.00 ? 30 ASP A O    1 
ATOM 472 C CB   . ASP A 1 30 ? 1.673   -13.036 -5.362  1.00 0.00 ? 30 ASP A CB   1 
ATOM 473 C CG   . ASP A 1 30 ? 0.496   -13.985 -5.120  1.00 0.00 ? 30 ASP A CG   1 
ATOM 474 O OD1  . ASP A 1 30 ? -0.671  -13.611 -5.060  1.00 0.00 ? 30 ASP A OD1  1 
ATOM 475 O OD2  . ASP A 1 30 ? 0.901   -15.280 -4.961  1.00 0.00 ? 30 ASP A OD2  1 
ATOM 476 H H    . ASP A 1 30 ? 0.661   -11.895 -2.730  1.00 0.00 ? 30 ASP A H    1 
ATOM 477 H HA   . ASP A 1 30 ? 2.542   -13.301 -3.411  1.00 0.00 ? 30 ASP A HA   1 
ATOM 478 H HB2  . ASP A 1 30 ? 1.338   -12.169 -5.950  1.00 0.00 ? 30 ASP A HB2  1 
ATOM 479 H HB3  . ASP A 1 30 ? 2.435   -13.557 -5.960  1.00 0.00 ? 30 ASP A HB3  1 
ATOM 480 H HD2  . ASP A 1 30 ? 1.851   -15.365 -5.054  1.00 0.00 ? 30 ASP A HD2  1 
ATOM 481 N N    . GLY A 1 31 ? 4.244   -11.018 -3.609  1.00 0.00 ? 31 GLY A N    1 
ATOM 482 C CA   . GLY A 1 31 ? 5.344   -11.228 -2.634  1.00 0.00 ? 31 GLY A CA   1 
ATOM 483 C C    . GLY A 1 31 ? 5.093   -12.360 -1.598  1.00 0.00 ? 31 GLY A C    1 
ATOM 484 O O    . GLY A 1 31 ? 5.875   -13.306 -1.565  1.00 0.00 ? 31 GLY A O    1 
ATOM 485 H H    . GLY A 1 31 ? 3.342   -10.582 -3.336  1.00 0.00 ? 31 GLY A H    1 
ATOM 486 H HA2  . GLY A 1 31 ? 6.286   -11.440 -3.175  1.00 0.00 ? 31 GLY A HA2  1 
ATOM 487 H HA3  . GLY A 1 31 ? 5.536   -10.283 -2.093  1.00 0.00 ? 31 GLY A HA3  1 
ATOM 488 N N    . THR A 1 32 ? 4.004   -12.242 -0.805  1.00 0.00 ? 32 THR A N    1 
ATOM 489 C CA   . THR A 1 32 ? 3.589   -13.189 0.297   1.00 0.00 ? 32 THR A CA   1 
ATOM 490 C C    . THR A 1 32 ? 2.708   -12.441 1.357   1.00 0.00 ? 32 THR A C    1 
ATOM 491 O O    . THR A 1 32 ? 1.558   -12.795 1.630   1.00 0.00 ? 32 THR A O    1 
ATOM 492 C CB   . THR A 1 32 ? 4.691   -14.091 0.969   1.00 0.00 ? 32 THR A CB   1 
ATOM 493 O OG1  . THR A 1 32 ? 4.135   -14.928 1.974   1.00 0.00 ? 32 THR A OG1  1 
ATOM 494 C CG2  . THR A 1 32 ? 5.871   -13.349 1.614   1.00 0.00 ? 32 THR A CG2  1 
ATOM 495 H H    . THR A 1 32 ? 3.381   -11.482 -1.103  1.00 0.00 ? 32 THR A H    1 
ATOM 496 H HA   . THR A 1 32 ? 2.891   -13.897 -0.170  1.00 0.00 ? 32 THR A HA   1 
ATOM 497 H HB   . THR A 1 32 ? 5.096   -14.765 0.189   1.00 0.00 ? 32 THR A HB   1 
ATOM 498 H HG1  . THR A 1 32 ? 4.072   -14.400 2.775   1.00 0.00 ? 32 THR A HG1  1 
ATOM 499 H HG21 . THR A 1 32 ? 6.342   -12.646 0.901   1.00 0.00 ? 32 THR A HG21 1 
ATOM 500 H HG22 . THR A 1 32 ? 5.566   -12.756 2.496   1.00 0.00 ? 32 THR A HG22 1 
ATOM 501 H HG23 . THR A 1 32 ? 6.653   -14.056 1.933   1.00 0.00 ? 32 THR A HG23 1 
ATOM 502 N N    . ALA A 1 33 ? 3.315   -11.409 1.943   1.00 0.00 ? 33 ALA A N    1 
ATOM 503 C CA   . ALA A 1 33 ? 2.800   -10.620 3.074   1.00 0.00 ? 33 ALA A CA   1 
ATOM 504 C C    . ALA A 1 33 ? 3.304   -9.156  2.906   1.00 0.00 ? 33 ALA A C    1 
ATOM 505 O O    . ALA A 1 33 ? 4.351   -8.750  3.419   1.00 0.00 ? 33 ALA A O    1 
ATOM 506 C CB   . ALA A 1 33 ? 3.297   -11.248 4.387   1.00 0.00 ? 33 ALA A CB   1 
ATOM 507 H H    . ALA A 1 33 ? 4.157   -11.176 1.416   1.00 0.00 ? 33 ALA A H    1 
ATOM 508 H HA   . ALA A 1 33 ? 1.690   -10.633 3.095   1.00 0.00 ? 33 ALA A HA   1 
ATOM 509 H HB1  . ALA A 1 33 ? 4.401   -11.306 4.427   1.00 0.00 ? 33 ALA A HB1  1 
ATOM 510 H HB2  . ALA A 1 33 ? 2.980   -10.657 5.263   1.00 0.00 ? 33 ALA A HB2  1 
ATOM 511 H HB3  . ALA A 1 33 ? 2.904   -12.264 4.523   1.00 0.00 ? 33 ALA A HB3  1 
ATOM 512 N N    . GLY A 1 34 ? 2.508   -8.359  2.189   1.00 0.00 ? 34 GLY A N    1 
ATOM 513 C CA   . GLY A 1 34 ? 2.649   -6.871  2.187   1.00 0.00 ? 34 GLY A CA   1 
ATOM 514 C C    . GLY A 1 34 ? 2.493   -6.162  3.540   1.00 0.00 ? 34 GLY A C    1 
ATOM 515 O O    . GLY A 1 34 ? 3.260   -5.245  3.831   1.00 0.00 ? 34 GLY A O    1 
ATOM 516 H H    . GLY A 1 34 ? 1.747   -8.893  1.772   1.00 0.00 ? 34 GLY A H    1 
ATOM 517 H HA2  . GLY A 1 34 ? 3.644   -6.599  1.790   1.00 0.00 ? 34 GLY A HA2  1 
ATOM 518 H HA3  . GLY A 1 34 ? 1.929   -6.402  1.495   1.00 0.00 ? 34 GLY A HA3  1 
ATOM 519 N N    . ALA A 1 35 ? 1.549   -6.608  4.388   1.00 0.00 ? 35 ALA A N    1 
ATOM 520 C CA   . ALA A 1 35 ? 1.665   -6.466  5.870   1.00 0.00 ? 35 ALA A CA   1 
ATOM 521 C C    . ALA A 1 35 ? 1.954   -5.043  6.459   1.00 0.00 ? 35 ALA A C    1 
ATOM 522 O O    . ALA A 1 35 ? 2.704   -4.862  7.420   1.00 0.00 ? 35 ALA A O    1 
ATOM 523 C CB   . ALA A 1 35 ? 2.625   -7.582  6.325   1.00 0.00 ? 35 ALA A CB   1 
ATOM 524 H H    . ALA A 1 35 ? 0.943   -7.333  3.979   1.00 0.00 ? 35 ALA A H    1 
ATOM 525 H HA   . ALA A 1 35 ? 0.681   -6.738  6.281   1.00 0.00 ? 35 ALA A HA   1 
ATOM 526 H HB1  . ALA A 1 35 ? 2.283   -8.572  5.972   1.00 0.00 ? 35 ALA A HB1  1 
ATOM 527 H HB2  . ALA A 1 35 ? 3.644   -7.428  5.921   1.00 0.00 ? 35 ALA A HB2  1 
ATOM 528 H HB3  . ALA A 1 35 ? 2.700   -7.631  7.423   1.00 0.00 ? 35 ALA A HB3  1 
ATOM 529 N N    . CYS A 1 36 ? 1.289   -4.047  5.857   1.00 0.00 ? 36 CYS A N    1 
ATOM 530 C CA   . CYS A 1 36 ? 1.472   -2.604  6.169   1.00 0.00 ? 36 CYS A CA   1 
ATOM 531 C C    . CYS A 1 36 ? 2.910   -1.987  6.053   1.00 0.00 ? 36 CYS A C    1 
ATOM 532 O O    . CYS A 1 36 ? 3.230   -0.991  6.705   1.00 0.00 ? 36 CYS A O    1 
ATOM 533 C CB   . CYS A 1 36 ? 0.561   -2.141  7.343   1.00 0.00 ? 36 CYS A CB   1 
ATOM 534 S SG   . CYS A 1 36 ? 0.508   -3.166  8.843   1.00 0.00 ? 36 CYS A SG   1 
ATOM 535 H H    . CYS A 1 36 ? 0.961   -4.385  4.944   1.00 0.00 ? 36 CYS A H    1 
ATOM 536 H HA   . CYS A 1 36 ? 1.001   -2.099  5.305   1.00 0.00 ? 36 CYS A HA   1 
ATOM 537 H HB2  . CYS A 1 36 ? 0.811   -1.106  7.641   1.00 0.00 ? 36 CYS A HB2  1 
ATOM 538 H HB3  . CYS A 1 36 ? -0.483  -2.079  6.986   1.00 0.00 ? 36 CYS A HB3  1 
ATOM 539 N N    . PHE A 1 37 ? 3.722   -2.489  5.098   1.00 0.00 ? 37 PHE A N    1 
ATOM 540 C CA   . PHE A 1 37 ? 4.920   -1.786  4.570   1.00 0.00 ? 37 PHE A CA   1 
ATOM 541 C C    . PHE A 1 37 ? 5.366   -2.333  3.181   1.00 0.00 ? 37 PHE A C    1 
ATOM 542 O O    . PHE A 1 37 ? 5.591   -1.523  2.277   1.00 0.00 ? 37 PHE A O    1 
ATOM 543 C CB   . PHE A 1 37 ? 6.099   -1.708  5.581   1.00 0.00 ? 37 PHE A CB   1 
ATOM 544 C CG   . PHE A 1 37 ? 7.145   -0.637  5.230   1.00 0.00 ? 37 PHE A CG   1 
ATOM 545 C CD1  . PHE A 1 37 ? 6.885   0.713   5.495   1.00 0.00 ? 37 PHE A CD1  1 
ATOM 546 C CD2  . PHE A 1 37 ? 8.338   -0.992  4.588   1.00 0.00 ? 37 PHE A CD2  1 
ATOM 547 C CE1  . PHE A 1 37 ? 7.800   1.693   5.117   1.00 0.00 ? 37 PHE A CE1  1 
ATOM 548 C CE2  . PHE A 1 37 ? 9.253   -0.010  4.215   1.00 0.00 ? 37 PHE A CE2  1 
ATOM 549 C CZ   . PHE A 1 37 ? 8.983   1.330   4.477   1.00 0.00 ? 37 PHE A CZ   1 
ATOM 550 H H    . PHE A 1 37 ? 3.337   -3.311  4.614   1.00 0.00 ? 37 PHE A H    1 
ATOM 551 H HA   . PHE A 1 37 ? 4.561   -0.766  4.344   1.00 0.00 ? 37 PHE A HA   1 
ATOM 552 H HB2  . PHE A 1 37 ? 5.711   -1.496  6.594   1.00 0.00 ? 37 PHE A HB2  1 
ATOM 553 H HB3  . PHE A 1 37 ? 6.564   -2.708  5.680   1.00 0.00 ? 37 PHE A HB3  1 
ATOM 554 H HD1  . PHE A 1 37 ? 5.965   1.007   5.981   1.00 0.00 ? 37 PHE A HD1  1 
ATOM 555 H HD2  . PHE A 1 37 ? 8.549   -2.027  4.363   1.00 0.00 ? 37 PHE A HD2  1 
ATOM 556 H HE1  . PHE A 1 37 ? 7.590   2.734   5.319   1.00 0.00 ? 37 PHE A HE1  1 
ATOM 557 H HE2  . PHE A 1 37 ? 10.169  -0.289  3.715   1.00 0.00 ? 37 PHE A HE2  1 
ATOM 558 H HZ   . PHE A 1 37 ? 9.691   2.090   4.182   1.00 0.00 ? 37 PHE A HZ   1 
ATOM 559 N N    . GLY A 1 38 ? 5.408   -3.665  2.946   1.00 0.00 ? 38 GLY A N    1 
ATOM 560 C CA   . GLY A 1 38 ? 5.529   -4.226  1.575   1.00 0.00 ? 38 GLY A CA   1 
ATOM 561 C C    . GLY A 1 38 ? 4.373   -4.059  0.545   1.00 0.00 ? 38 GLY A C    1 
ATOM 562 O O    . GLY A 1 38 ? 4.431   -4.593  -0.562  1.00 0.00 ? 38 GLY A O    1 
ATOM 563 H H    . GLY A 1 38 ? 4.887   -4.218  3.633   1.00 0.00 ? 38 GLY A H    1 
ATOM 564 H HA2  . GLY A 1 38 ? 6.392   -3.724  1.159   1.00 0.00 ? 38 GLY A HA2  1 
ATOM 565 H HA3  . GLY A 1 38 ? 5.802   -5.295  1.632   1.00 0.00 ? 38 GLY A HA3  1 
ATOM 566 N N    . ALA A 1 39 ? 3.384   -3.247  0.917   1.00 0.00 ? 39 ALA A N    1 
ATOM 567 C CA   . ALA A 1 39 ? 2.488   -2.526  -0.015  1.00 0.00 ? 39 ALA A CA   1 
ATOM 568 C C    . ALA A 1 39 ? 2.547   -0.956  0.040   1.00 0.00 ? 39 ALA A C    1 
ATOM 569 O O    . ALA A 1 39 ? 2.215   -0.305  -0.951  1.00 0.00 ? 39 ALA A O    1 
ATOM 570 C CB   . ALA A 1 39 ? 1.063   -3.083  0.161   1.00 0.00 ? 39 ALA A CB   1 
ATOM 571 H H    . ALA A 1 39 ? 3.776   -2.768  1.729   1.00 0.00 ? 39 ALA A H    1 
ATOM 572 H HA   . ALA A 1 39 ? 2.837   -2.766  -1.018  1.00 0.00 ? 39 ALA A HA   1 
ATOM 573 H HB1  . ALA A 1 39 ? 0.700   -2.965  1.196   1.00 0.00 ? 39 ALA A HB1  1 
ATOM 574 H HB2  . ALA A 1 39 ? 0.339   -2.566  -0.500  1.00 0.00 ? 39 ALA A HB2  1 
ATOM 575 H HB3  . ALA A 1 39 ? 1.013   -4.157  -0.092  1.00 0.00 ? 39 ALA A HB3  1 
ATOM 576 N N    . GLN A 1 40 ? 3.002   -0.344  1.149   1.00 0.00 ? 40 GLN A N    1 
ATOM 577 C CA   . GLN A 1 40 ? 3.361   1.095   1.248   1.00 0.00 ? 40 GLN A CA   1 
ATOM 578 C C    . GLN A 1 40 ? 4.488   1.593   0.284   1.00 0.00 ? 40 GLN A C    1 
ATOM 579 O O    . GLN A 1 40 ? 4.398   2.658   -0.324  1.00 0.00 ? 40 GLN A O    1 
ATOM 580 C CB   . GLN A 1 40 ? 3.709   1.390   2.735   1.00 0.00 ? 40 GLN A CB   1 
ATOM 581 C CG   . GLN A 1 40 ? 2.530   1.240   3.733   1.00 0.00 ? 40 GLN A CG   1 
ATOM 582 C CD   . GLN A 1 40 ? 2.554   2.195   4.930   1.00 0.00 ? 40 GLN A CD   1 
ATOM 583 O OE1  . GLN A 1 40 ? 2.147   3.348   4.836   1.00 0.00 ? 40 GLN A OE1  1 
ATOM 584 N NE2  . GLN A 1 40 ? 3.007   1.781   6.086   1.00 0.00 ? 40 GLN A NE2  1 
ATOM 585 H H    . GLN A 1 40 ? 3.479   -0.959  1.788   1.00 0.00 ? 40 GLN A H    1 
ATOM 586 H HA   . GLN A 1 40 ? 2.453   1.634   1.003   1.00 0.00 ? 40 GLN A HA   1 
ATOM 587 H HB2  . GLN A 1 40 ? 4.580   0.791   3.041   1.00 0.00 ? 40 GLN A HB2  1 
ATOM 588 H HB3  . GLN A 1 40 ? 4.126   2.396   2.839   1.00 0.00 ? 40 GLN A HB3  1 
ATOM 589 H HG2  . GLN A 1 40 ? 1.585   1.427   3.201   1.00 0.00 ? 40 GLN A HG2  1 
ATOM 590 H HG3  . GLN A 1 40 ? 2.430   0.189   4.047   1.00 0.00 ? 40 GLN A HG3  1 
ATOM 591 H HE21 . GLN A 1 40 ? 3.166   0.768   6.204   1.00 0.00 ? 40 GLN A HE21 1 
ATOM 592 H HE22 . GLN A 1 40 ? 2.916   2.483   6.826   1.00 0.00 ? 40 GLN A HE22 1 
ATOM 593 N N    . ILE A 1 41 ? 5.529   0.768   0.142   1.00 0.00 ? 41 ILE A N    1 
ATOM 594 C CA   . ILE A 1 41 ? 6.528   0.848   -0.966  1.00 0.00 ? 41 ILE A CA   1 
ATOM 595 C C    . ILE A 1 41 ? 5.999   0.642   -2.400  1.00 0.00 ? 41 ILE A C    1 
ATOM 596 O O    . ILE A 1 41 ? 6.228   1.457   -3.291  1.00 0.00 ? 41 ILE A O    1 
ATOM 597 C CB   . ILE A 1 41 ? 7.705   -0.164  -0.703  1.00 0.00 ? 41 ILE A CB   1 
ATOM 598 C CG1  . ILE A 1 41 ? 7.351   -1.672  -0.451  1.00 0.00 ? 41 ILE A CG1  1 
ATOM 599 C CG2  . ILE A 1 41 ? 8.607   0.327   0.435   1.00 0.00 ? 41 ILE A CG2  1 
ATOM 600 C CD1  . ILE A 1 41 ? 7.822   -2.643  -1.548  1.00 0.00 ? 41 ILE A CD1  1 
ATOM 601 H H    . ILE A 1 41 ? 5.366   -0.090  0.682   1.00 0.00 ? 41 ILE A H    1 
ATOM 602 H HA   . ILE A 1 41 ? 6.865   1.897   -1.046  1.00 0.00 ? 41 ILE A HA   1 
ATOM 603 H HB   . ILE A 1 41 ? 8.305   -0.146  -1.628  1.00 0.00 ? 41 ILE A HB   1 
ATOM 604 H HG12 . ILE A 1 41 ? 7.771   -2.025  0.511   1.00 0.00 ? 41 ILE A HG12 1 
ATOM 605 H HG13 . ILE A 1 41 ? 6.264   -1.804  -0.301  1.00 0.00 ? 41 ILE A HG13 1 
ATOM 606 H HG21 . ILE A 1 41 ? 8.944   1.361   0.257   1.00 0.00 ? 41 ILE A HG21 1 
ATOM 607 H HG22 . ILE A 1 41 ? 8.058   0.300   1.397   1.00 0.00 ? 41 ILE A HG22 1 
ATOM 608 H HG23 . ILE A 1 41 ? 9.496   -0.321  0.535   1.00 0.00 ? 41 ILE A HG23 1 
ATOM 609 H HD11 . ILE A 1 41 ? 7.411   -2.389  -2.542  1.00 0.00 ? 41 ILE A HD11 1 
ATOM 610 H HD12 . ILE A 1 41 ? 8.925   -2.644  -1.643  1.00 0.00 ? 41 ILE A HD12 1 
ATOM 611 H HD13 . ILE A 1 41 ? 7.515   -3.683  -1.327  1.00 0.00 ? 41 ILE A HD13 1 
ATOM 612 N N    . MET A 1 42 ? 5.314   -0.476  -2.583  1.00 0.00 ? 42 MET A N    1 
ATOM 613 C CA   . MET A 1 42 ? 4.678   -0.855  -3.874  1.00 0.00 ? 42 MET A CA   1 
ATOM 614 C C    . MET A 1 42 ? 3.802   0.236   -4.572  1.00 0.00 ? 42 MET A C    1 
ATOM 615 O O    . MET A 1 42 ? 3.870   0.388   -5.785  1.00 0.00 ? 42 MET A O    1 
ATOM 616 C CB   . MET A 1 42 ? 3.904   -2.156  -3.585  1.00 0.00 ? 42 MET A CB   1 
ATOM 617 C CG   . MET A 1 42 ? 3.324   -2.901  -4.801  1.00 0.00 ? 42 MET A CG   1 
ATOM 618 S SD   . MET A 1 42 ? 2.379   -4.324  -4.220  1.00 0.00 ? 42 MET A SD   1 
ATOM 619 C CE   . MET A 1 42 ? 2.001   -5.112  -5.793  1.00 0.00 ? 42 MET A CE   1 
ATOM 620 H H    . MET A 1 42 ? 5.565   -1.085  -1.793  1.00 0.00 ? 42 MET A H    1 
ATOM 621 H HA   . MET A 1 42 ? 5.503   -1.046  -4.564  1.00 0.00 ? 42 MET A HA   1 
ATOM 622 H HB2  . MET A 1 42 ? 4.533   -2.877  -3.023  1.00 0.00 ? 42 MET A HB2  1 
ATOM 623 H HB3  . MET A 1 42 ? 3.095   -1.864  -2.898  1.00 0.00 ? 42 MET A HB3  1 
ATOM 624 H HG2  . MET A 1 42 ? 2.658   -2.251  -5.400  1.00 0.00 ? 42 MET A HG2  1 
ATOM 625 H HG3  . MET A 1 42 ? 4.130   -3.244  -5.478  1.00 0.00 ? 42 MET A HG3  1 
ATOM 626 H HE1  . MET A 1 42 ? 2.929   -5.392  -6.323  1.00 0.00 ? 42 MET A HE1  1 
ATOM 627 H HE2  . MET A 1 42 ? 1.415   -6.036  -5.626  1.00 0.00 ? 42 MET A HE2  1 
ATOM 628 H HE3  . MET A 1 42 ? 1.414   -4.440  -6.443  1.00 0.00 ? 42 MET A HE3  1 
ATOM 629 N N    . VAL A 1 43 ? 3.080   1.045   -3.789  1.00 0.00 ? 43 VAL A N    1 
ATOM 630 C CA   . VAL A 1 43 ? 2.519   2.358   -4.189  1.00 0.00 ? 43 VAL A CA   1 
ATOM 631 C C    . VAL A 1 43 ? 3.445   3.302   -5.009  1.00 0.00 ? 43 VAL A C    1 
ATOM 632 O O    . VAL A 1 43 ? 3.062   3.736   -6.101  1.00 0.00 ? 43 VAL A O    1 
ATOM 633 C CB   . VAL A 1 43 ? 1.933   2.992   -2.876  1.00 0.00 ? 43 VAL A CB   1 
ATOM 634 C CG1  . VAL A 1 43 ? 1.626   4.495   -2.929  1.00 0.00 ? 43 VAL A CG1  1 
ATOM 635 C CG2  . VAL A 1 43 ? 0.624   2.321   -2.426  1.00 0.00 ? 43 VAL A CG2  1 
ATOM 636 H H    . VAL A 1 43 ? 3.310   0.901   -2.812  1.00 0.00 ? 43 VAL A H    1 
ATOM 637 H HA   . VAL A 1 43 ? 1.721   2.114   -4.883  1.00 0.00 ? 43 VAL A HA   1 
ATOM 638 H HB   . VAL A 1 43 ? 2.684   2.881   -2.069  1.00 0.00 ? 43 VAL A HB   1 
ATOM 639 H HG11 . VAL A 1 43 ? 0.913   4.728   -3.736  1.00 0.00 ? 43 VAL A HG11 1 
ATOM 640 H HG12 . VAL A 1 43 ? 1.202   4.855   -1.976  1.00 0.00 ? 43 VAL A HG12 1 
ATOM 641 H HG13 . VAL A 1 43 ? 2.551   5.076   -3.090  1.00 0.00 ? 43 VAL A HG13 1 
ATOM 642 H HG21 . VAL A 1 43 ? -0.134  2.381   -3.223  1.00 0.00 ? 43 VAL A HG21 1 
ATOM 643 H HG22 . VAL A 1 43 ? 0.722   1.256   -2.184  1.00 0.00 ? 43 VAL A HG22 1 
ATOM 644 H HG23 . VAL A 1 43 ? 0.205   2.815   -1.529  1.00 0.00 ? 43 VAL A HG23 1 
ATOM 645 N N    . ALA A 1 44 ? 4.660   3.547   -4.501  1.00 0.00 ? 44 ALA A N    1 
ATOM 646 C CA   . ALA A 1 44 ? 5.719   4.247   -5.284  1.00 0.00 ? 44 ALA A CA   1 
ATOM 647 C C    . ALA A 1 44 ? 6.242   3.566   -6.604  1.00 0.00 ? 44 ALA A C    1 
ATOM 648 O O    . ALA A 1 44 ? 6.963   4.215   -7.366  1.00 0.00 ? 44 ALA A O    1 
ATOM 649 C CB   . ALA A 1 44 ? 6.865   4.555   -4.300  1.00 0.00 ? 44 ALA A CB   1 
ATOM 650 H H    . ALA A 1 44 ? 4.867   2.878   -3.733  1.00 0.00 ? 44 ALA A H    1 
ATOM 651 H HA   . ALA A 1 44 ? 5.307   5.224   -5.611  1.00 0.00 ? 44 ALA A HA   1 
ATOM 652 H HB1  . ALA A 1 44 ? 6.512   5.106   -3.408  1.00 0.00 ? 44 ALA A HB1  1 
ATOM 653 H HB2  . ALA A 1 44 ? 7.369   3.636   -3.946  1.00 0.00 ? 44 ALA A HB2  1 
ATOM 654 H HB3  . ALA A 1 44 ? 7.641   5.184   -4.773  1.00 0.00 ? 44 ALA A HB3  1 
ATOM 655 N N    . ALA A 1 45 ? 5.844   2.313   -6.912  1.00 0.00 ? 45 ALA A N    1 
ATOM 656 C CA   . ALA A 1 45 ? 5.930   1.750   -8.281  1.00 0.00 ? 45 ALA A CA   1 
ATOM 657 C C    . ALA A 1 45 ? 4.684   0.899   -8.708  1.00 0.00 ? 45 ALA A C    1 
ATOM 658 O O    . ALA A 1 45 ? 4.805   -0.211  -9.234  1.00 0.00 ? 45 ALA A O    1 
ATOM 659 C CB   . ALA A 1 45 ? 7.283   1.017   -8.411  1.00 0.00 ? 45 ALA A CB   1 
ATOM 660 H H    . ALA A 1 45 ? 5.078   1.999   -6.305  1.00 0.00 ? 45 ALA A H    1 
ATOM 661 H HA   . ALA A 1 45 ? 5.901   2.598   -8.978  1.00 0.00 ? 45 ALA A HA   1 
ATOM 662 H HB1  . ALA A 1 45 ? 8.136   1.686   -8.189  1.00 0.00 ? 45 ALA A HB1  1 
ATOM 663 H HB2  . ALA A 1 45 ? 7.347   0.156   -7.721  1.00 0.00 ? 45 ALA A HB2  1 
ATOM 664 H HB3  . ALA A 1 45 ? 7.435   0.627   -9.434  1.00 0.00 ? 45 ALA A HB3  1 
ATOM 665 N N    . LYS A 1 46 ? 3.473   1.468   -8.541  1.00 0.00 ? 46 LYS A N    1 
ATOM 666 C CA   . LYS A 1 46 ? 2.191   0.868   -8.959  1.00 0.00 ? 46 LYS A CA   1 
ATOM 667 C C    . LYS A 1 46 ? 1.312   1.956   -9.649  1.00 0.00 ? 46 LYS A C    1 
ATOM 668 O O    . LYS A 1 46 ? 0.944   1.822   -10.818 1.00 0.00 ? 46 LYS A O    1 
ATOM 669 C CB   . LYS A 1 46 ? 1.560   0.173   -7.716  1.00 0.00 ? 46 LYS A CB   1 
ATOM 670 C CG   . LYS A 1 46 ? 0.087   -0.251  -7.793  1.00 0.00 ? 46 LYS A CG   1 
ATOM 671 C CD   . LYS A 1 46 ? -0.200  -1.426  -8.752  1.00 0.00 ? 46 LYS A CD   1 
ATOM 672 C CE   . LYS A 1 46 ? -1.681  -1.842  -8.810  1.00 0.00 ? 46 LYS A CE   1 
ATOM 673 N NZ   . LYS A 1 46 ? -2.100  -2.572  -7.597  1.00 0.00 ? 46 LYS A NZ   1 
ATOM 674 H H    . LYS A 1 46 ? 3.408   2.213   -7.848  1.00 0.00 ? 46 LYS A H    1 
ATOM 675 H HA   . LYS A 1 46 ? 2.411   0.116   -9.716  1.00 0.00 ? 46 LYS A HA   1 
ATOM 676 H HB2  . LYS A 1 46 ? 2.182   -0.698  -7.433  1.00 0.00 ? 46 LYS A HB2  1 
ATOM 677 H HB3  . LYS A 1 46 ? 1.632   0.856   -6.849  1.00 0.00 ? 46 LYS A HB3  1 
ATOM 678 H HG2  . LYS A 1 46 ? -0.236  -0.502  -6.767  1.00 0.00 ? 46 LYS A HG2  1 
ATOM 679 H HG3  . LYS A 1 46 ? -0.523  0.631   -8.074  1.00 0.00 ? 46 LYS A HG3  1 
ATOM 680 H HD2  . LYS A 1 46 ? 0.113   -1.129  -9.772  1.00 0.00 ? 46 LYS A HD2  1 
ATOM 681 H HD3  . LYS A 1 46 ? 0.438   -2.295  -8.501  1.00 0.00 ? 46 LYS A HD3  1 
ATOM 682 H HE2  . LYS A 1 46 ? -2.330  -0.956  -8.965  1.00 0.00 ? 46 LYS A HE2  1 
ATOM 683 H HE3  . LYS A 1 46 ? -1.852  -2.486  -9.694  1.00 0.00 ? 46 LYS A HE3  1 
ATOM 684 H HZ1  . LYS A 1 46 ? -1.529  -3.415  -7.471  1.00 0.00 ? 46 LYS A HZ1  1 
ATOM 685 H HZ2  . LYS A 1 46 ? -1.927  -2.003  -6.761  1.00 0.00 ? 46 LYS A HZ2  1 
ATOM 686 N N    . GLY A 1 47 ? 0.997   3.025   -8.904  1.00 0.00 ? 47 GLY A N    1 
ATOM 687 C CA   . GLY A 1 47 ? 0.370   4.247   -9.459  1.00 0.00 ? 47 GLY A CA   1 
ATOM 688 C C    . GLY A 1 47 ? 0.982   5.564   -8.947  1.00 0.00 ? 47 GLY A C    1 
ATOM 689 O O    . GLY A 1 47 ? 1.178   6.491   -9.739  1.00 0.00 ? 47 GLY A O    1 
ATOM 690 H H    . GLY A 1 47 ? 1.501   3.006   -8.007  1.00 0.00 ? 47 GLY A H    1 
ATOM 691 H HA2  . GLY A 1 47 ? 0.417   4.261   -10.566 1.00 0.00 ? 47 GLY A HA2  1 
ATOM 692 H HA3  . GLY A 1 47 ? -0.708  4.248   -9.224  1.00 0.00 ? 47 GLY A HA3  1 
ATOM 693 N N    . CYS A 1 48 ? 1.292   5.693   -7.640  1.00 0.00 ? 48 CYS A N    1 
ATOM 694 C CA   . CYS A 1 48 ? 1.737   6.972   -7.057  1.00 0.00 ? 48 CYS A CA   1 
ATOM 695 C C    . CYS A 1 48 ? 3.196   7.375   -7.436  1.00 0.00 ? 48 CYS A C    1 
ATOM 696 O O    . CYS A 1 48 ? 4.111   7.528   -6.627  1.00 0.00 ? 48 CYS A O    1 
ATOM 697 C CB   . CYS A 1 48 ? 1.443   6.958   -5.551  1.00 0.00 ? 48 CYS A CB   1 
ATOM 698 S SG   . CYS A 1 48 ? 1.579   8.637   -4.913  1.00 0.00 ? 48 CYS A SG   1 
ATOM 699 O OXT  . CYS A 1 48 ? 3.340   7.551   -8.789  1.00 0.00 ? 48 CYS A OXT  1 
ATOM 700 H H    . CYS A 1 48 ? 1.312   4.829   -7.091  1.00 0.00 ? 48 CYS A H    1 
ATOM 701 H HA   . CYS A 1 48 ? 1.065   7.726   -7.473  1.00 0.00 ? 48 CYS A HA   1 
ATOM 702 H HB2  . CYS A 1 48 ? 0.425   6.583   -5.331  1.00 0.00 ? 48 CYS A HB2  1 
ATOM 703 H HB3  . CYS A 1 48 ? 2.159   6.305   -5.020  1.00 0.00 ? 48 CYS A HB3  1 
ATOM 704 H HXT  . CYS A 1 48 ? 2.528   7.269   -9.249  1.00 0.00 ? 48 CYS A HXT  1 
# 
